data_4V3Q
#
_entry.id   4V3Q
#
_cell.length_a   96.498
_cell.length_b   96.498
_cell.length_c   96.340
_cell.angle_alpha   90.00
_cell.angle_beta   90.00
_cell.angle_gamma   120.00
#
_symmetry.space_group_name_H-M   'P 32'
#
loop_
_entity.id
_entity.type
_entity.pdbx_description
1 polymer YIII_M4_AII
2 non-polymer GLYCEROL
3 non-polymer 'CALCIUM ION'
4 water water
#
_entity_poly.entity_id   1
_entity_poly.type   'polypeptide(L)'
_entity_poly.pdbx_seq_one_letter_code
;HHHHHHGSELPQMVQQLNSPDQQELQSALRKLSQIASGGDEQIQAVIDAGALPALVQLLSSPNEQILQEALWTLGNIASG
GDEQIQAVIDAGALPALVQLLSSPNEQILQEALWTLGNIASGGDEQIQAVIDAGALPALVQLLSSPNEQILQEALWTLGN
IASGGDEQIQAVIDAGALPALVQLLSSPNEQILQEALWTLGNIASGGNEQKQAVKEAGALEKLEQLQSHENEKIQKEAQE
ALEKLQS
;
_entity_poly.pdbx_strand_id   A,B,C,D
#
# COMPACT_ATOMS: atom_id res chain seq x y z
N HIS A 1 -1.45 -1.34 -9.15
CA HIS A 1 -0.65 -2.27 -9.98
C HIS A 1 -1.42 -2.87 -11.18
N HIS A 2 -1.21 -4.14 -11.48
CA HIS A 2 -1.24 -4.56 -12.85
C HIS A 2 -2.03 -5.81 -12.98
N HIS A 3 -2.80 -5.94 -14.04
CA HIS A 3 -3.43 -7.20 -14.27
C HIS A 3 -2.33 -8.24 -14.52
N HIS A 4 -2.44 -9.40 -13.87
CA HIS A 4 -1.64 -10.59 -14.30
C HIS A 4 -2.51 -11.81 -14.41
N HIS A 5 -2.38 -12.53 -15.53
CA HIS A 5 -3.07 -13.80 -15.71
C HIS A 5 -2.12 -14.86 -15.13
N HIS A 6 -2.49 -15.50 -14.02
CA HIS A 6 -1.57 -16.44 -13.40
C HIS A 6 -1.81 -17.72 -14.15
N GLY A 7 -0.85 -18.24 -14.82
CA GLY A 7 -1.19 -19.49 -15.48
C GLY A 7 -1.17 -20.67 -14.51
N SER A 8 -0.55 -21.69 -15.03
CA SER A 8 -0.09 -22.82 -14.29
C SER A 8 0.94 -22.36 -13.25
N GLU A 9 1.46 -21.13 -13.37
CA GLU A 9 2.30 -20.50 -12.32
C GLU A 9 1.70 -20.54 -10.94
N LEU A 10 0.38 -20.45 -10.79
CA LEU A 10 -0.14 -20.39 -9.43
C LEU A 10 -0.12 -21.80 -8.75
N PRO A 11 -0.68 -22.84 -9.42
CA PRO A 11 -0.49 -24.18 -8.82
C PRO A 11 0.98 -24.57 -8.57
N GLN A 12 1.91 -24.06 -9.38
CA GLN A 12 3.36 -24.31 -9.21
C GLN A 12 3.95 -23.62 -7.99
N MET A 13 3.54 -22.39 -7.74
CA MET A 13 3.84 -21.74 -6.47
C MET A 13 3.28 -22.51 -5.27
N VAL A 14 2.08 -23.01 -5.42
CA VAL A 14 1.50 -23.80 -4.34
C VAL A 14 2.35 -25.02 -4.05
N GLN A 15 2.84 -25.69 -5.07
CA GLN A 15 3.66 -26.88 -4.85
C GLN A 15 4.93 -26.59 -4.04
N GLN A 16 5.49 -25.39 -4.21
N GLN A 16 5.49 -25.37 -4.24
CA GLN A 16 6.71 -25.03 -3.52
CA GLN A 16 6.68 -24.91 -3.51
C GLN A 16 6.49 -24.75 -2.04
C GLN A 16 6.47 -24.80 -2.02
N LEU A 17 5.25 -24.71 -1.58
CA LEU A 17 4.97 -24.69 -0.16
C LEU A 17 5.30 -26.02 0.55
N ASN A 18 5.59 -27.05 -0.22
CA ASN A 18 6.01 -28.31 0.31
C ASN A 18 7.39 -28.62 -0.15
N SER A 19 8.09 -27.64 -0.71
CA SER A 19 9.49 -27.86 -1.11
C SER A 19 10.39 -27.86 0.14
N PRO A 20 11.40 -28.75 0.16
CA PRO A 20 12.45 -28.73 1.16
C PRO A 20 13.48 -27.53 1.07
N ASP A 21 13.38 -26.74 0.01
CA ASP A 21 14.20 -25.52 -0.13
C ASP A 21 13.42 -24.34 0.43
N GLN A 22 13.85 -23.83 1.58
N GLN A 22 13.91 -23.83 1.56
CA GLN A 22 13.09 -22.80 2.27
CA GLN A 22 13.20 -22.81 2.34
C GLN A 22 13.13 -21.47 1.53
C GLN A 22 13.26 -21.43 1.67
N GLN A 23 14.14 -21.28 0.70
CA GLN A 23 14.18 -20.06 -0.06
C GLN A 23 13.16 -20.03 -1.20
N GLU A 24 13.02 -21.13 -1.93
N GLU A 24 13.01 -21.13 -1.91
CA GLU A 24 11.89 -21.34 -2.83
CA GLU A 24 11.90 -21.32 -2.85
C GLU A 24 10.56 -21.22 -2.11
C GLU A 24 10.54 -21.28 -2.15
N LEU A 25 10.45 -21.91 -0.97
CA LEU A 25 9.26 -21.88 -0.18
C LEU A 25 8.83 -20.45 0.17
N GLN A 26 9.75 -19.70 0.76
CA GLN A 26 9.44 -18.32 1.18
C GLN A 26 9.05 -17.45 -0.01
N SER A 27 9.75 -17.59 -1.13
CA SER A 27 9.44 -16.84 -2.32
C SER A 27 7.99 -17.05 -2.76
N ALA A 28 7.62 -18.30 -2.84
CA ALA A 28 6.25 -18.70 -3.18
C ALA A 28 5.27 -18.17 -2.19
N LEU A 29 5.52 -18.34 -0.91
CA LEU A 29 4.62 -17.85 0.09
C LEU A 29 4.41 -16.32 0.04
N ARG A 30 5.50 -15.61 -0.20
CA ARG A 30 5.42 -14.16 -0.41
C ARG A 30 4.58 -13.76 -1.59
N LYS A 31 4.71 -14.47 -2.72
CA LYS A 31 3.93 -14.14 -3.91
C LYS A 31 2.45 -14.43 -3.67
N LEU A 32 2.19 -15.53 -2.97
CA LEU A 32 0.80 -15.92 -2.66
C LEU A 32 0.14 -14.87 -1.78
N SER A 33 0.87 -14.38 -0.81
CA SER A 33 0.28 -13.37 0.09
C SER A 33 0.01 -12.06 -0.62
N GLN A 34 0.81 -11.74 -1.59
CA GLN A 34 0.67 -10.53 -2.37
C GLN A 34 -0.54 -10.68 -3.25
N ILE A 35 -0.66 -11.84 -3.91
CA ILE A 35 -1.90 -12.18 -4.69
C ILE A 35 -3.18 -12.07 -3.84
N ALA A 36 -3.16 -12.71 -2.68
CA ALA A 36 -4.27 -12.80 -1.77
C ALA A 36 -4.71 -11.43 -1.22
N SER A 37 -3.81 -10.48 -1.23
CA SER A 37 -4.14 -9.11 -0.83
C SER A 37 -4.96 -8.35 -1.89
N GLY A 38 -5.14 -8.88 -3.09
CA GLY A 38 -5.99 -8.23 -4.09
C GLY A 38 -7.48 -8.41 -3.78
N GLY A 39 -8.29 -8.27 -4.78
CA GLY A 39 -9.73 -8.54 -4.51
C GLY A 39 -10.18 -9.99 -4.40
N ASP A 40 -11.52 -10.17 -4.36
CA ASP A 40 -12.12 -11.47 -4.23
C ASP A 40 -11.65 -12.31 -5.48
N GLU A 41 -11.42 -11.64 -6.61
CA GLU A 41 -11.01 -12.40 -7.79
C GLU A 41 -9.65 -13.03 -7.59
N GLN A 42 -8.74 -12.26 -7.00
CA GLN A 42 -7.36 -12.71 -6.75
C GLN A 42 -7.34 -13.77 -5.69
N ILE A 43 -8.08 -13.51 -4.63
CA ILE A 43 -8.29 -14.52 -3.60
C ILE A 43 -8.82 -15.84 -4.14
N GLN A 44 -9.78 -15.78 -5.04
CA GLN A 44 -10.36 -16.98 -5.56
C GLN A 44 -9.32 -17.77 -6.36
N ALA A 45 -8.48 -17.07 -7.11
CA ALA A 45 -7.45 -17.78 -7.89
C ALA A 45 -6.50 -18.55 -6.95
N VAL A 46 -6.21 -17.97 -5.81
CA VAL A 46 -5.33 -18.66 -4.81
C VAL A 46 -6.06 -19.87 -4.25
N ILE A 47 -7.33 -19.72 -3.86
CA ILE A 47 -8.09 -20.87 -3.44
C ILE A 47 -8.12 -21.98 -4.49
N ASP A 48 -8.44 -21.61 -5.70
CA ASP A 48 -8.65 -22.57 -6.81
C ASP A 48 -7.35 -23.25 -7.21
N ALA A 49 -6.22 -22.62 -6.92
CA ALA A 49 -4.90 -23.24 -7.14
C ALA A 49 -4.55 -24.27 -6.07
N GLY A 50 -5.38 -24.43 -5.03
CA GLY A 50 -5.15 -25.40 -3.98
C GLY A 50 -4.25 -24.97 -2.82
N ALA A 51 -4.09 -23.66 -2.66
CA ALA A 51 -3.26 -23.11 -1.62
C ALA A 51 -3.69 -23.35 -0.18
N LEU A 52 -4.99 -23.49 0.11
CA LEU A 52 -5.48 -23.57 1.51
C LEU A 52 -4.88 -24.74 2.31
N PRO A 53 -4.97 -25.97 1.79
CA PRO A 53 -4.42 -27.01 2.65
C PRO A 53 -2.89 -26.89 2.90
N ALA A 54 -2.13 -26.44 1.91
CA ALA A 54 -0.69 -26.15 2.08
C ALA A 54 -0.36 -25.05 3.08
N LEU A 55 -1.15 -23.97 3.02
CA LEU A 55 -1.05 -22.92 4.03
C LEU A 55 -1.34 -23.39 5.41
N VAL A 56 -2.42 -24.13 5.60
CA VAL A 56 -2.80 -24.66 6.92
C VAL A 56 -1.70 -25.58 7.50
N GLN A 57 -1.05 -26.38 6.68
N GLN A 57 -1.01 -26.40 6.70
CA GLN A 57 0.07 -27.18 7.18
CA GLN A 57 0.09 -27.22 7.29
C GLN A 57 1.15 -26.33 7.84
C GLN A 57 1.24 -26.35 7.82
N LEU A 58 1.42 -25.17 7.24
CA LEU A 58 2.46 -24.29 7.69
C LEU A 58 2.18 -23.66 9.03
N LEU A 59 0.94 -23.68 9.49
CA LEU A 59 0.61 -23.17 10.77
C LEU A 59 1.11 -24.00 11.90
N SER A 60 1.63 -25.20 11.63
CA SER A 60 2.35 -26.00 12.61
C SER A 60 3.83 -25.81 12.61
N SER A 61 4.35 -25.01 11.71
CA SER A 61 5.77 -24.89 11.56
C SER A 61 6.45 -24.22 12.77
N PRO A 62 7.64 -24.67 13.19
CA PRO A 62 8.42 -23.91 14.22
C PRO A 62 9.27 -22.76 13.63
N ASN A 63 9.16 -22.59 12.32
CA ASN A 63 9.86 -21.53 11.63
C ASN A 63 8.94 -20.32 11.59
N GLU A 64 9.26 -19.32 12.42
CA GLU A 64 8.40 -18.14 12.59
C GLU A 64 8.39 -17.28 11.34
N GLN A 65 9.49 -17.27 10.58
CA GLN A 65 9.49 -16.55 9.30
C GLN A 65 8.48 -17.16 8.31
N ILE A 66 8.39 -18.48 8.22
CA ILE A 66 7.34 -19.14 7.42
C ILE A 66 5.94 -18.93 8.00
N LEU A 67 5.81 -19.14 9.30
CA LEU A 67 4.48 -19.08 9.92
C LEU A 67 3.80 -17.71 9.77
N GLN A 68 4.54 -16.65 10.03
CA GLN A 68 4.03 -15.25 9.94
C GLN A 68 3.51 -14.93 8.61
N GLU A 69 4.23 -15.35 7.58
CA GLU A 69 3.83 -15.10 6.20
C GLU A 69 2.58 -15.95 5.80
N ALA A 70 2.51 -17.20 6.24
CA ALA A 70 1.35 -18.06 6.04
C ALA A 70 0.07 -17.53 6.72
N LEU A 71 0.21 -17.02 7.92
CA LEU A 71 -0.89 -16.39 8.64
C LEU A 71 -1.41 -15.18 7.92
N TRP A 72 -0.49 -14.39 7.37
CA TRP A 72 -0.80 -13.16 6.69
C TRP A 72 -1.56 -13.55 5.43
N THR A 73 -1.16 -14.63 4.78
CA THR A 73 -1.83 -15.08 3.60
C THR A 73 -3.30 -15.52 3.92
N LEU A 74 -3.44 -16.24 4.99
CA LEU A 74 -4.74 -16.73 5.38
C LEU A 74 -5.60 -15.57 5.84
N GLY A 75 -5.09 -14.65 6.66
CA GLY A 75 -5.87 -13.47 7.02
C GLY A 75 -6.39 -12.69 5.83
N ASN A 76 -5.56 -12.53 4.82
CA ASN A 76 -5.96 -11.89 3.61
C ASN A 76 -7.04 -12.63 2.81
N ILE A 77 -6.88 -13.95 2.70
CA ILE A 77 -7.95 -14.76 2.10
C ILE A 77 -9.28 -14.58 2.84
N ALA A 78 -9.20 -14.58 4.16
CA ALA A 78 -10.36 -14.36 5.02
C ALA A 78 -10.88 -12.92 4.99
N SER A 79 -10.24 -12.00 4.25
CA SER A 79 -10.80 -10.71 4.09
C SER A 79 -11.71 -10.64 2.92
N GLY A 80 -11.92 -11.80 2.26
CA GLY A 80 -12.83 -11.89 1.10
C GLY A 80 -14.29 -12.17 1.39
N GLY A 81 -14.94 -12.82 0.42
CA GLY A 81 -16.32 -13.27 0.52
C GLY A 81 -16.55 -14.33 1.58
N ASP A 82 -17.80 -14.42 2.07
CA ASP A 82 -18.12 -15.40 3.10
C ASP A 82 -17.76 -16.85 2.70
N GLU A 83 -17.94 -17.18 1.42
CA GLU A 83 -17.58 -18.51 0.90
C GLU A 83 -16.04 -18.71 0.83
N GLN A 84 -15.29 -17.62 0.78
CA GLN A 84 -13.80 -17.65 0.74
C GLN A 84 -13.38 -17.87 2.17
N ILE A 85 -14.06 -17.19 3.06
CA ILE A 85 -13.83 -17.45 4.46
C ILE A 85 -14.16 -18.90 4.80
N GLN A 86 -15.28 -19.39 4.29
CA GLN A 86 -15.68 -20.78 4.58
C GLN A 86 -14.66 -21.76 4.04
N ALA A 87 -14.13 -21.50 2.85
CA ALA A 87 -13.03 -22.31 2.31
C ALA A 87 -11.87 -22.49 3.30
N VAL A 88 -11.53 -21.44 4.03
CA VAL A 88 -10.43 -21.44 4.99
C VAL A 88 -10.77 -22.31 6.14
N ILE A 89 -12.03 -22.21 6.56
CA ILE A 89 -12.54 -23.05 7.60
C ILE A 89 -12.52 -24.52 7.17
N ASP A 90 -13.01 -24.78 5.95
CA ASP A 90 -13.19 -26.14 5.46
C ASP A 90 -11.85 -26.83 5.28
N ALA A 91 -10.77 -26.05 5.11
CA ALA A 91 -9.45 -26.56 5.03
C ALA A 91 -8.80 -26.84 6.39
N GLY A 92 -9.55 -26.67 7.46
CA GLY A 92 -9.08 -26.97 8.83
C GLY A 92 -8.14 -25.97 9.50
N ALA A 93 -8.26 -24.69 9.15
CA ALA A 93 -7.41 -23.65 9.80
C ALA A 93 -7.70 -23.43 11.29
N LEU A 94 -8.92 -23.62 11.72
CA LEU A 94 -9.34 -23.07 13.02
C LEU A 94 -8.61 -23.74 14.18
N PRO A 95 -8.45 -25.07 14.16
CA PRO A 95 -7.80 -25.66 15.35
C PRO A 95 -6.42 -25.06 15.56
N ALA A 96 -5.63 -24.91 14.47
CA ALA A 96 -4.28 -24.35 14.58
C ALA A 96 -4.31 -22.87 15.04
N LEU A 97 -5.23 -22.13 14.47
CA LEU A 97 -5.43 -20.77 14.89
C LEU A 97 -5.74 -20.63 16.37
N VAL A 98 -6.59 -21.48 16.89
CA VAL A 98 -6.92 -21.40 18.33
C VAL A 98 -5.75 -21.79 19.16
N GLN A 99 -4.99 -22.81 18.75
N GLN A 99 -5.01 -22.83 18.74
CA GLN A 99 -3.87 -23.24 19.54
CA GLN A 99 -3.84 -23.26 19.45
C GLN A 99 -2.77 -22.15 19.50
C GLN A 99 -2.85 -22.09 19.52
N LEU A 100 -2.69 -21.37 18.42
CA LEU A 100 -1.75 -20.26 18.38
C LEU A 100 -2.14 -19.10 19.32
N LEU A 101 -3.36 -19.08 19.85
CA LEU A 101 -3.73 -18.06 20.84
C LEU A 101 -2.95 -18.22 22.14
N SER A 102 -2.23 -19.33 22.30
CA SER A 102 -1.32 -19.59 23.44
C SER A 102 0.15 -19.27 23.18
N SER A 103 0.45 -18.69 22.04
CA SER A 103 1.84 -18.41 21.70
C SER A 103 2.44 -17.35 22.63
N PRO A 104 3.66 -17.56 23.10
CA PRO A 104 4.42 -16.48 23.76
C PRO A 104 5.05 -15.44 22.79
N ASN A 105 4.84 -15.70 21.49
CA ASN A 105 5.31 -14.82 20.44
C ASN A 105 4.15 -13.91 20.08
N GLU A 106 4.34 -12.64 20.41
CA GLU A 106 3.27 -11.65 20.31
C GLU A 106 2.99 -11.33 18.88
N GLN A 107 4.02 -11.44 18.04
CA GLN A 107 3.77 -11.16 16.64
C GLN A 107 2.87 -12.23 16.04
N ILE A 108 3.19 -13.49 16.36
CA ILE A 108 2.35 -14.63 15.96
C ILE A 108 0.96 -14.57 16.59
N LEU A 109 0.91 -14.23 17.88
CA LEU A 109 -0.38 -14.07 18.54
C LEU A 109 -1.25 -13.07 17.86
N GLN A 110 -0.70 -11.93 17.57
CA GLN A 110 -1.52 -10.89 16.99
C GLN A 110 -2.04 -11.31 15.63
N GLU A 111 -1.22 -12.01 14.88
CA GLU A 111 -1.57 -12.41 13.51
C GLU A 111 -2.65 -13.45 13.51
N ALA A 112 -2.53 -14.36 14.48
CA ALA A 112 -3.54 -15.32 14.66
C ALA A 112 -4.91 -14.71 15.08
N LEU A 113 -4.87 -13.73 15.99
CA LEU A 113 -6.10 -13.03 16.42
C LEU A 113 -6.69 -12.28 15.28
N TRP A 114 -5.86 -11.65 14.46
CA TRP A 114 -6.31 -10.88 13.34
C TRP A 114 -7.01 -11.77 12.31
N THR A 115 -6.33 -12.88 11.99
CA THR A 115 -6.92 -13.86 11.11
C THR A 115 -8.26 -14.39 11.62
N LEU A 116 -8.30 -14.74 12.90
CA LEU A 116 -9.53 -15.16 13.50
C LEU A 116 -10.62 -14.09 13.39
N GLY A 117 -10.26 -12.86 13.58
CA GLY A 117 -11.18 -11.74 13.51
C GLY A 117 -11.75 -11.60 12.13
N ASN A 118 -10.92 -11.76 11.10
CA ASN A 118 -11.39 -11.71 9.76
C ASN A 118 -12.41 -12.82 9.50
N ILE A 119 -12.08 -14.04 9.93
CA ILE A 119 -13.02 -15.17 9.71
C ILE A 119 -14.33 -14.85 10.42
N ALA A 120 -14.25 -14.39 11.64
CA ALA A 120 -15.44 -13.99 12.40
C ALA A 120 -16.19 -12.77 11.89
N SER A 121 -15.69 -12.08 10.87
CA SER A 121 -16.44 -10.94 10.30
C SER A 121 -17.41 -11.40 9.27
N GLY A 122 -17.34 -12.70 9.00
CA GLY A 122 -18.25 -13.41 8.07
C GLY A 122 -19.70 -13.59 8.54
N GLY A 123 -20.41 -14.47 7.86
CA GLY A 123 -21.77 -14.76 8.19
C GLY A 123 -21.85 -15.63 9.43
N ASP A 124 -23.09 -15.91 9.85
CA ASP A 124 -23.32 -16.64 11.07
C ASP A 124 -22.76 -18.04 11.02
N GLU A 125 -22.71 -18.66 9.85
CA GLU A 125 -22.06 -19.95 9.74
C GLU A 125 -20.55 -19.92 10.11
N GLN A 126 -19.86 -18.88 9.64
CA GLN A 126 -18.43 -18.79 9.80
C GLN A 126 -18.16 -18.45 11.27
N ILE A 127 -18.96 -17.55 11.85
CA ILE A 127 -18.82 -17.21 13.25
C ILE A 127 -19.07 -18.47 14.10
N GLN A 128 -20.09 -19.27 13.76
CA GLN A 128 -20.37 -20.50 14.53
C GLN A 128 -19.13 -21.44 14.56
N ALA A 129 -18.43 -21.53 13.43
CA ALA A 129 -17.25 -22.39 13.36
C ALA A 129 -16.16 -21.93 14.31
N VAL A 130 -16.00 -20.61 14.41
CA VAL A 130 -15.07 -20.03 15.34
C VAL A 130 -15.42 -20.39 16.77
N ILE A 131 -16.70 -20.26 17.07
CA ILE A 131 -17.19 -20.60 18.41
C ILE A 131 -16.97 -22.11 18.69
N ASP A 132 -17.35 -22.96 17.75
CA ASP A 132 -17.24 -24.41 17.91
C ASP A 132 -15.82 -24.89 18.03
N ALA A 133 -14.88 -24.09 17.52
CA ALA A 133 -13.48 -24.45 17.58
C ALA A 133 -12.84 -24.07 18.91
N GLY A 134 -13.62 -23.48 19.83
CA GLY A 134 -13.17 -23.18 21.17
C GLY A 134 -12.34 -21.90 21.31
N ALA A 135 -12.57 -20.92 20.41
CA ALA A 135 -11.85 -19.64 20.50
C ALA A 135 -12.22 -18.79 21.75
N LEU A 136 -13.43 -18.91 22.24
CA LEU A 136 -13.93 -17.97 23.25
C LEU A 136 -13.15 -17.94 24.55
N PRO A 137 -12.79 -19.13 25.09
CA PRO A 137 -12.09 -18.99 26.33
C PRO A 137 -10.79 -18.24 26.28
N ALA A 138 -9.91 -18.53 25.31
CA ALA A 138 -8.70 -17.73 25.07
C ALA A 138 -9.00 -16.28 24.86
N LEU A 139 -9.98 -15.97 24.02
CA LEU A 139 -10.36 -14.59 23.78
C LEU A 139 -10.77 -13.86 25.04
N VAL A 140 -11.62 -14.46 25.86
CA VAL A 140 -12.02 -13.80 27.08
C VAL A 140 -10.79 -13.63 28.00
N GLN A 141 -9.93 -14.65 28.08
CA GLN A 141 -8.71 -14.55 28.93
C GLN A 141 -7.82 -13.34 28.49
N LEU A 142 -7.69 -13.12 27.17
CA LEU A 142 -6.91 -12.00 26.67
C LEU A 142 -7.46 -10.65 27.00
N LEU A 143 -8.72 -10.56 27.42
CA LEU A 143 -9.22 -9.28 27.88
C LEU A 143 -8.54 -8.78 29.15
N SER A 144 -7.89 -9.69 29.86
CA SER A 144 -7.12 -9.36 31.02
C SER A 144 -5.68 -9.05 30.67
N SER A 145 -5.32 -9.08 29.40
CA SER A 145 -3.94 -8.87 29.02
C SER A 145 -3.50 -7.43 29.34
N PRO A 146 -2.26 -7.24 29.81
CA PRO A 146 -1.61 -5.95 30.02
C PRO A 146 -0.87 -5.35 28.75
N ASN A 147 -0.98 -6.10 27.66
CA ASN A 147 -0.46 -5.73 26.35
C ASN A 147 -1.61 -5.12 25.55
N GLU A 148 -1.62 -3.81 25.48
CA GLU A 148 -2.75 -3.07 24.84
C GLU A 148 -2.93 -3.40 23.36
N GLN A 149 -1.81 -3.76 22.71
CA GLN A 149 -1.83 -4.12 21.28
C GLN A 149 -2.56 -5.43 21.12
N ILE A 150 -2.25 -6.43 21.95
CA ILE A 150 -2.97 -7.68 21.94
C ILE A 150 -4.47 -7.50 22.37
N LEU A 151 -4.68 -6.72 23.39
CA LEU A 151 -6.00 -6.42 23.88
C LEU A 151 -6.92 -5.87 22.76
N GLN A 152 -6.43 -4.92 21.96
CA GLN A 152 -7.26 -4.33 20.94
C GLN A 152 -7.69 -5.37 19.91
N GLU A 153 -6.80 -6.32 19.62
CA GLU A 153 -7.03 -7.31 18.57
C GLU A 153 -8.03 -8.33 19.11
N ALA A 154 -7.89 -8.72 20.38
CA ALA A 154 -8.86 -9.61 21.03
C ALA A 154 -10.26 -8.97 21.14
N LEU A 155 -10.30 -7.68 21.44
CA LEU A 155 -11.58 -6.95 21.53
C LEU A 155 -12.23 -6.92 20.16
N TRP A 156 -11.47 -6.64 19.13
CA TRP A 156 -12.02 -6.62 17.74
C TRP A 156 -12.58 -7.97 17.32
N THR A 157 -11.83 -9.04 17.59
CA THR A 157 -12.29 -10.38 17.21
C THR A 157 -13.57 -10.78 18.01
N LEU A 158 -13.58 -10.48 19.29
CA LEU A 158 -14.80 -10.69 20.06
C LEU A 158 -16.03 -9.89 19.54
N GLY A 159 -15.77 -8.68 19.16
CA GLY A 159 -16.77 -7.80 18.63
C GLY A 159 -17.40 -8.38 17.38
N ASN A 160 -16.58 -8.98 16.55
CA ASN A 160 -17.04 -9.60 15.33
C ASN A 160 -17.93 -10.84 15.61
N ILE A 161 -17.53 -11.61 16.61
CA ILE A 161 -18.27 -12.78 16.98
C ILE A 161 -19.61 -12.33 17.52
N ALA A 162 -19.60 -11.26 18.27
CA ALA A 162 -20.85 -10.74 18.85
C ALA A 162 -21.72 -9.94 17.90
N SER A 163 -21.30 -9.92 16.64
CA SER A 163 -22.07 -9.43 15.54
C SER A 163 -22.87 -10.47 14.92
N GLY A 164 -22.82 -11.68 15.46
CA GLY A 164 -23.66 -12.79 14.95
C GLY A 164 -25.07 -12.80 15.55
N GLY A 165 -25.71 -13.98 15.48
CA GLY A 165 -27.04 -14.24 16.04
C GLY A 165 -27.08 -14.19 17.57
N ASP A 166 -28.28 -14.24 18.15
CA ASP A 166 -28.38 -13.95 19.56
C ASP A 166 -27.68 -15.02 20.37
N GLU A 167 -27.76 -16.27 19.91
CA GLU A 167 -27.12 -17.37 20.60
C GLU A 167 -25.60 -17.29 20.47
N GLN A 168 -25.12 -16.71 19.36
CA GLN A 168 -23.71 -16.46 19.24
C GLN A 168 -23.27 -15.40 20.22
N ILE A 169 -24.03 -14.31 20.34
CA ILE A 169 -23.76 -13.37 21.38
C ILE A 169 -23.83 -14.06 22.74
N GLN A 170 -24.82 -14.92 22.94
CA GLN A 170 -24.97 -15.61 24.22
C GLN A 170 -23.75 -16.45 24.51
N ALA A 171 -23.19 -17.05 23.44
CA ALA A 171 -21.98 -17.84 23.59
C ALA A 171 -20.86 -17.02 24.22
N VAL A 172 -20.79 -15.76 23.80
CA VAL A 172 -19.74 -14.81 24.27
C VAL A 172 -20.00 -14.45 25.72
N ILE A 173 -21.28 -14.27 26.02
CA ILE A 173 -21.68 -14.00 27.35
C ILE A 173 -21.38 -15.24 28.26
N ASP A 174 -21.71 -16.43 27.79
CA ASP A 174 -21.51 -17.62 28.65
C ASP A 174 -20.01 -17.86 28.94
N ALA A 175 -19.13 -17.46 28.01
CA ALA A 175 -17.71 -17.50 28.22
C ALA A 175 -17.14 -16.49 29.21
N GLY A 176 -17.94 -15.54 29.70
CA GLY A 176 -17.44 -14.62 30.73
C GLY A 176 -16.96 -13.24 30.25
N ALA A 177 -17.38 -12.82 29.08
CA ALA A 177 -16.83 -11.58 28.49
C ALA A 177 -17.35 -10.36 29.27
N LEU A 178 -18.56 -10.47 29.83
CA LEU A 178 -19.19 -9.23 30.29
C LEU A 178 -18.47 -8.63 31.45
N PRO A 179 -18.12 -9.43 32.47
CA PRO A 179 -17.38 -8.80 33.55
C PRO A 179 -16.09 -8.13 33.12
N ALA A 180 -15.37 -8.73 32.17
CA ALA A 180 -14.10 -8.17 31.72
C ALA A 180 -14.35 -6.87 30.99
N LEU A 181 -15.38 -6.85 30.16
CA LEU A 181 -15.71 -5.64 29.41
C LEU A 181 -16.14 -4.52 30.33
N VAL A 182 -16.92 -4.84 31.35
CA VAL A 182 -17.35 -3.84 32.29
C VAL A 182 -16.17 -3.25 33.06
N GLN A 183 -15.22 -4.10 33.46
CA GLN A 183 -14.00 -3.62 34.12
C GLN A 183 -13.25 -2.72 33.14
N LEU A 184 -13.28 -3.09 31.87
CA LEU A 184 -12.53 -2.24 30.95
C LEU A 184 -13.14 -0.86 30.81
N LEU A 185 -14.45 -0.73 31.08
CA LEU A 185 -15.08 0.60 31.00
C LEU A 185 -14.65 1.61 32.04
N SER A 186 -13.90 1.17 33.05
CA SER A 186 -13.23 2.05 33.99
C SER A 186 -11.73 2.29 33.67
N SER A 187 -11.25 1.91 32.49
CA SER A 187 -9.84 2.11 32.21
C SER A 187 -9.60 3.58 32.09
N PRO A 188 -8.46 4.08 32.57
CA PRO A 188 -8.11 5.47 32.36
C PRO A 188 -7.46 5.73 30.92
N ASN A 189 -7.36 4.65 30.18
CA ASN A 189 -6.92 4.65 28.78
C ASN A 189 -8.12 4.75 27.88
N GLU A 190 -8.30 5.93 27.27
CA GLU A 190 -9.45 6.19 26.48
C GLU A 190 -9.46 5.38 25.16
N GLN A 191 -8.28 5.03 24.64
CA GLN A 191 -8.22 4.10 23.48
C GLN A 191 -8.92 2.75 23.81
N ILE A 192 -8.60 2.22 24.96
CA ILE A 192 -9.21 1.00 25.48
C ILE A 192 -10.71 1.16 25.69
N LEU A 193 -11.12 2.27 26.27
CA LEU A 193 -12.54 2.51 26.46
C LEU A 193 -13.30 2.46 25.14
N GLN A 194 -12.73 3.03 24.09
CA GLN A 194 -13.37 3.08 22.80
C GLN A 194 -13.54 1.65 22.27
N GLU A 195 -12.49 0.89 22.40
CA GLU A 195 -12.44 -0.49 21.86
C GLU A 195 -13.42 -1.39 22.61
N ALA A 196 -13.48 -1.20 23.92
CA ALA A 196 -14.45 -1.91 24.77
C ALA A 196 -15.91 -1.52 24.46
N LEU A 197 -16.14 -0.25 24.20
CA LEU A 197 -17.46 0.21 23.85
C LEU A 197 -17.94 -0.38 22.55
N TRP A 198 -17.04 -0.46 21.58
CA TRP A 198 -17.42 -1.09 20.30
C TRP A 198 -17.92 -2.52 20.54
N THR A 199 -17.16 -3.30 21.26
CA THR A 199 -17.49 -4.68 21.50
C THR A 199 -18.78 -4.80 22.37
N LEU A 200 -18.79 -4.08 23.47
CA LEU A 200 -19.96 -4.11 24.35
C LEU A 200 -21.23 -3.69 23.58
N GLY A 201 -21.13 -2.62 22.79
CA GLY A 201 -22.20 -2.24 21.86
C GLY A 201 -22.77 -3.39 21.07
N ASN A 202 -21.89 -4.17 20.45
CA ASN A 202 -22.34 -5.30 19.63
C ASN A 202 -23.13 -6.33 20.49
N ILE A 203 -22.61 -6.60 21.66
CA ILE A 203 -23.26 -7.55 22.52
C ILE A 203 -24.66 -7.03 22.86
N ALA A 204 -24.76 -5.73 23.08
CA ALA A 204 -25.95 -5.10 23.60
C ALA A 204 -27.01 -5.02 22.55
N SER A 205 -26.67 -5.35 21.32
CA SER A 205 -27.67 -5.35 20.26
C SER A 205 -28.27 -6.74 19.97
N GLY A 206 -27.96 -7.71 20.81
CA GLY A 206 -28.67 -8.99 20.77
C GLY A 206 -30.12 -8.88 21.18
N GLY A 207 -30.73 -10.03 21.53
CA GLY A 207 -32.13 -10.14 21.98
C GLY A 207 -32.26 -9.80 23.46
N ASN A 208 -33.45 -9.92 24.02
N ASN A 208 -33.47 -9.94 24.00
CA ASN A 208 -33.70 -9.45 25.38
CA ASN A 208 -33.81 -9.54 25.37
C ASN A 208 -32.92 -10.17 26.47
C ASN A 208 -32.90 -10.17 26.42
N GLU A 209 -32.59 -11.44 26.22
CA GLU A 209 -31.80 -12.20 27.17
C GLU A 209 -30.39 -11.64 27.21
N GLN A 210 -29.86 -11.24 26.07
CA GLN A 210 -28.50 -10.62 26.04
C GLN A 210 -28.52 -9.19 26.59
N LYS A 211 -29.57 -8.46 26.24
CA LYS A 211 -29.69 -7.10 26.78
C LYS A 211 -29.75 -7.15 28.30
N GLN A 212 -30.57 -8.07 28.84
CA GLN A 212 -30.65 -8.27 30.30
C GLN A 212 -29.31 -8.64 31.01
N ALA A 213 -28.53 -9.54 30.41
CA ALA A 213 -27.25 -9.94 30.98
C ALA A 213 -26.30 -8.77 30.98
N VAL A 214 -26.37 -7.95 29.92
CA VAL A 214 -25.60 -6.68 29.90
C VAL A 214 -25.90 -5.78 31.12
N LYS A 215 -27.18 -5.56 31.38
CA LYS A 215 -27.62 -4.86 32.67
C LYS A 215 -27.20 -5.59 33.96
N GLU A 216 -27.38 -6.89 34.07
CA GLU A 216 -26.93 -7.66 35.27
C GLU A 216 -25.44 -7.45 35.56
N ALA A 217 -24.65 -7.32 34.48
CA ALA A 217 -23.21 -7.12 34.59
C ALA A 217 -22.80 -5.75 35.12
N GLY A 218 -23.68 -4.75 35.14
CA GLY A 218 -23.30 -3.40 35.65
C GLY A 218 -22.97 -2.36 34.59
N ALA A 219 -23.32 -2.64 33.35
CA ALA A 219 -22.87 -1.81 32.22
C ALA A 219 -23.58 -0.47 32.14
N LEU A 220 -24.85 -0.43 32.58
CA LEU A 220 -25.68 0.78 32.43
C LEU A 220 -25.05 1.94 33.19
N GLU A 221 -24.65 1.67 34.44
CA GLU A 221 -23.97 2.67 35.29
C GLU A 221 -22.89 3.29 34.47
N LYS A 222 -22.03 2.43 33.98
CA LYS A 222 -20.83 2.84 33.26
C LYS A 222 -21.21 3.57 31.98
N LEU A 223 -22.12 3.00 31.22
CA LEU A 223 -22.53 3.65 29.97
C LEU A 223 -23.09 5.05 30.26
N GLU A 224 -23.96 5.16 31.23
CA GLU A 224 -24.53 6.50 31.58
C GLU A 224 -23.46 7.51 31.96
N GLN A 225 -22.55 7.10 32.83
CA GLN A 225 -21.41 7.94 33.16
C GLN A 225 -20.70 8.43 31.91
N LEU A 226 -20.39 7.50 30.99
CA LEU A 226 -19.51 7.84 29.86
C LEU A 226 -20.21 8.75 28.84
N GLN A 227 -21.55 8.84 28.88
CA GLN A 227 -22.30 9.83 28.09
C GLN A 227 -21.75 11.25 28.21
N SER A 228 -21.06 11.59 29.31
CA SER A 228 -20.54 12.94 29.49
C SER A 228 -19.01 12.99 29.59
N HIS A 229 -18.31 12.01 29.02
CA HIS A 229 -16.87 11.99 29.04
C HIS A 229 -16.33 13.21 28.27
N GLU A 230 -15.19 13.72 28.72
CA GLU A 230 -14.49 14.85 28.07
C GLU A 230 -14.31 14.65 26.60
N ASN A 231 -13.91 13.42 26.25
CA ASN A 231 -13.63 12.98 24.89
C ASN A 231 -14.90 12.74 24.11
N GLU A 232 -15.09 13.56 23.10
CA GLU A 232 -16.38 13.58 22.42
C GLU A 232 -16.60 12.34 21.55
N LYS A 233 -15.50 11.74 21.10
CA LYS A 233 -15.60 10.42 20.53
C LYS A 233 -16.08 9.36 21.50
N ILE A 234 -15.57 9.35 22.72
CA ILE A 234 -16.07 8.44 23.72
C ILE A 234 -17.58 8.70 24.00
N GLN A 235 -17.98 9.96 24.12
CA GLN A 235 -19.38 10.30 24.32
C GLN A 235 -20.24 9.66 23.28
N LYS A 236 -19.85 9.82 22.03
CA LYS A 236 -20.61 9.30 20.90
C LYS A 236 -20.67 7.76 20.95
N GLU A 237 -19.58 7.14 21.37
N GLU A 237 -19.56 7.12 21.32
CA GLU A 237 -19.50 5.69 21.38
CA GLU A 237 -19.52 5.66 21.38
C GLU A 237 -20.29 5.04 22.51
C GLU A 237 -20.46 5.13 22.46
N ALA A 238 -20.35 5.71 23.65
CA ALA A 238 -21.17 5.32 24.79
C ALA A 238 -22.64 5.56 24.50
N GLN A 239 -22.95 6.69 23.89
CA GLN A 239 -24.31 6.92 23.37
C GLN A 239 -24.75 5.83 22.38
N GLU A 240 -23.94 5.52 21.39
CA GLU A 240 -24.30 4.46 20.43
C GLU A 240 -24.57 3.13 21.18
N ALA A 241 -23.70 2.77 22.13
CA ALA A 241 -23.81 1.53 22.85
C ALA A 241 -25.04 1.48 23.69
N LEU A 242 -25.39 2.61 24.30
CA LEU A 242 -26.60 2.70 25.14
C LEU A 242 -27.90 2.61 24.34
N GLU A 243 -27.89 3.29 23.19
CA GLU A 243 -29.00 3.26 22.24
C GLU A 243 -29.21 1.82 21.75
N LYS A 244 -28.13 1.16 21.34
CA LYS A 244 -28.21 -0.23 20.91
C LYS A 244 -28.82 -1.08 22.04
N LEU A 245 -28.36 -0.86 23.27
CA LEU A 245 -28.82 -1.64 24.41
C LEU A 245 -30.35 -1.48 24.59
N GLN A 246 -30.84 -0.30 24.32
CA GLN A 246 -32.23 -0.03 24.64
C GLN A 246 -33.28 -0.24 23.53
N SER A 247 -32.97 -1.00 22.49
CA SER A 247 -33.95 -1.27 21.42
C SER A 247 -34.77 -2.52 21.67
N HIS B 1 -2.38 8.41 -3.44
CA HIS B 1 -3.15 9.38 -2.61
C HIS B 1 -2.98 10.88 -3.03
N HIS B 2 -3.01 11.79 -2.05
CA HIS B 2 -3.52 13.12 -2.32
C HIS B 2 -2.59 14.11 -1.77
N HIS B 3 -2.35 15.21 -2.48
CA HIS B 3 -1.65 16.28 -1.85
C HIS B 3 -2.43 16.79 -0.62
N HIS B 4 -1.75 16.96 0.49
CA HIS B 4 -2.31 17.75 1.61
C HIS B 4 -1.32 18.74 2.16
N HIS B 5 -1.75 19.99 2.28
CA HIS B 5 -0.93 21.01 2.90
C HIS B 5 -1.25 20.87 4.39
N HIS B 6 -0.28 20.40 5.18
CA HIS B 6 -0.46 20.40 6.61
C HIS B 6 0.20 21.74 6.99
N GLY B 7 -0.59 22.61 7.51
CA GLY B 7 -0.04 23.83 8.08
C GLY B 7 0.06 23.53 9.56
N SER B 8 -0.72 24.26 10.35
CA SER B 8 -0.67 24.22 11.79
C SER B 8 -1.22 22.92 12.38
N GLU B 9 -1.86 22.11 11.53
CA GLU B 9 -2.32 20.77 11.91
C GLU B 9 -1.21 19.89 12.37
N LEU B 10 -0.01 20.01 11.80
CA LEU B 10 1.00 19.01 12.14
C LEU B 10 1.55 19.26 13.56
N PRO B 11 1.96 20.52 13.88
CA PRO B 11 2.42 20.75 15.26
C PRO B 11 1.37 20.42 16.31
N GLN B 12 0.09 20.57 15.97
CA GLN B 12 -1.03 20.20 16.86
C GLN B 12 -1.16 18.70 17.07
N MET B 13 -0.91 17.91 16.04
CA MET B 13 -0.83 16.46 16.22
C MET B 13 0.34 16.09 17.08
N VAL B 14 1.45 16.78 16.86
CA VAL B 14 2.62 16.52 17.67
C VAL B 14 2.29 16.82 19.16
N GLN B 15 1.56 17.88 19.44
CA GLN B 15 1.23 18.17 20.84
C GLN B 15 0.46 17.01 21.51
N GLN B 16 -0.41 16.37 20.72
CA GLN B 16 -1.22 15.27 21.21
C GLN B 16 -0.41 14.07 21.61
N LEU B 17 0.85 14.00 21.23
CA LEU B 17 1.68 12.91 21.67
C LEU B 17 2.02 13.02 23.16
N ASN B 18 1.69 14.15 23.75
CA ASN B 18 1.89 14.33 25.17
C ASN B 18 0.59 14.51 25.88
N SER B 19 -0.52 14.18 25.21
CA SER B 19 -1.84 14.30 25.80
C SER B 19 -2.11 13.11 26.72
N PRO B 20 -2.75 13.38 27.88
CA PRO B 20 -3.17 12.29 28.75
C PRO B 20 -4.40 11.46 28.19
N ASP B 21 -5.01 11.93 27.12
CA ASP B 21 -6.05 11.16 26.45
C ASP B 21 -5.44 10.21 25.42
N GLN B 22 -5.47 8.92 25.72
CA GLN B 22 -4.77 7.93 24.90
C GLN B 22 -5.44 7.69 23.54
N GLN B 23 -6.69 8.10 23.39
N GLN B 23 -6.72 8.06 23.43
CA GLN B 23 -7.32 7.91 22.10
CA GLN B 23 -7.43 7.96 22.15
C GLN B 23 -7.01 9.07 21.15
C GLN B 23 -6.96 9.05 21.20
N GLU B 24 -6.95 10.30 21.68
CA GLU B 24 -6.32 11.40 20.95
C GLU B 24 -4.87 11.12 20.62
N LEU B 25 -4.12 10.64 21.62
CA LEU B 25 -2.73 10.28 21.38
C LEU B 25 -2.55 9.32 20.19
N GLN B 26 -3.27 8.20 20.22
CA GLN B 26 -3.15 7.19 19.18
C GLN B 26 -3.55 7.72 17.81
N SER B 27 -4.62 8.51 17.76
CA SER B 27 -5.08 9.08 16.51
C SER B 27 -3.97 9.92 15.86
N ALA B 28 -3.39 10.78 16.66
CA ALA B 28 -2.25 11.59 16.24
C ALA B 28 -1.11 10.78 15.83
N LEU B 29 -0.72 9.81 16.60
CA LEU B 29 0.38 8.99 16.23
C LEU B 29 0.18 8.21 14.91
N ARG B 30 -1.05 7.71 14.73
CA ARG B 30 -1.39 7.07 13.45
C ARG B 30 -1.29 7.99 12.26
N LYS B 31 -1.70 9.23 12.42
CA LYS B 31 -1.68 10.18 11.30
C LYS B 31 -0.25 10.54 11.02
N LEU B 32 0.57 10.68 12.07
CA LEU B 32 1.98 10.96 11.84
C LEU B 32 2.69 9.82 11.12
N SER B 33 2.38 8.60 11.47
CA SER B 33 3.04 7.49 10.77
C SER B 33 2.63 7.37 9.31
N GLN B 34 1.44 7.78 9.01
CA GLN B 34 0.93 7.74 7.66
C GLN B 34 1.62 8.83 6.87
N ILE B 35 1.74 10.02 7.46
CA ILE B 35 2.50 11.12 6.81
C ILE B 35 3.97 10.71 6.53
N ALA B 36 4.59 10.13 7.54
CA ALA B 36 5.99 9.74 7.51
C ALA B 36 6.25 8.63 6.49
N SER B 37 5.23 7.91 6.11
CA SER B 37 5.37 6.90 5.07
C SER B 37 5.45 7.48 3.64
N GLY B 38 5.22 8.78 3.45
CA GLY B 38 5.38 9.46 2.15
C GLY B 38 6.84 9.65 1.78
N GLY B 39 7.13 10.56 0.91
CA GLY B 39 8.55 10.76 0.61
C GLY B 39 9.28 11.68 1.58
N ASP B 40 10.48 12.07 1.18
CA ASP B 40 11.37 12.87 2.02
C ASP B 40 10.60 14.17 2.32
N GLU B 41 9.76 14.64 1.39
CA GLU B 41 9.08 15.93 1.63
C GLU B 41 8.15 15.81 2.82
N GLN B 42 7.45 14.68 2.86
CA GLN B 42 6.47 14.41 3.98
C GLN B 42 7.15 14.13 5.29
N ILE B 43 8.18 13.30 5.23
CA ILE B 43 9.06 13.10 6.37
C ILE B 43 9.61 14.44 6.92
N GLN B 44 10.01 15.34 6.04
CA GLN B 44 10.59 16.54 6.53
C GLN B 44 9.57 17.40 7.28
N ALA B 45 8.32 17.40 6.80
CA ALA B 45 7.26 18.14 7.46
C ALA B 45 7.05 17.59 8.89
N VAL B 46 7.16 16.30 9.06
CA VAL B 46 7.01 15.71 10.41
C VAL B 46 8.18 16.14 11.29
N ILE B 47 9.42 16.07 10.76
CA ILE B 47 10.52 16.54 11.53
C ILE B 47 10.42 18.03 11.91
N ASP B 48 10.02 18.83 10.97
CA ASP B 48 9.96 20.26 11.16
C ASP B 48 8.82 20.60 12.12
N ALA B 49 7.82 19.74 12.23
CA ALA B 49 6.74 19.98 13.20
C ALA B 49 7.15 19.63 14.66
N GLY B 50 8.37 19.14 14.85
CA GLY B 50 8.88 18.82 16.19
C GLY B 50 8.55 17.45 16.71
N ALA B 51 8.19 16.55 15.81
CA ALA B 51 7.77 15.21 16.18
C ALA B 51 8.81 14.29 16.82
N LEU B 52 10.08 14.39 16.46
CA LEU B 52 11.14 13.45 16.90
C LEU B 52 11.27 13.33 18.43
N PRO B 53 11.43 14.46 19.14
CA PRO B 53 11.59 14.28 20.57
C PRO B 53 10.36 13.64 21.30
N ALA B 54 9.15 13.96 20.85
CA ALA B 54 7.93 13.31 21.33
C ALA B 54 7.83 11.83 21.01
N LEU B 55 8.20 11.45 19.79
CA LEU B 55 8.27 10.03 19.44
C LEU B 55 9.26 9.27 20.28
N VAL B 56 10.47 9.80 20.44
CA VAL B 56 11.52 9.16 21.25
C VAL B 56 11.02 8.95 22.70
N GLN B 57 10.35 9.94 23.28
CA GLN B 57 9.76 9.73 24.68
C GLN B 57 8.92 8.45 24.71
N LEU B 58 8.14 8.24 23.63
CA LEU B 58 7.22 7.13 23.62
C LEU B 58 7.90 5.76 23.55
N LEU B 59 9.18 5.72 23.22
CA LEU B 59 9.92 4.48 23.21
C LEU B 59 10.13 3.91 24.58
N SER B 60 9.85 4.69 25.62
CA SER B 60 9.88 4.21 27.00
C SER B 60 8.55 3.73 27.51
N SER B 61 7.51 3.85 26.73
CA SER B 61 6.19 3.52 27.20
C SER B 61 5.99 2.02 27.48
N PRO B 62 5.23 1.65 28.54
CA PRO B 62 4.82 0.22 28.73
C PRO B 62 3.54 -0.19 27.96
N ASN B 63 3.04 0.78 27.18
CA ASN B 63 1.86 0.59 26.36
C ASN B 63 2.36 0.16 24.99
N GLU B 64 2.19 -1.12 24.68
CA GLU B 64 2.72 -1.69 23.44
C GLU B 64 1.97 -1.16 22.23
N GLN B 65 0.71 -0.82 22.39
CA GLN B 65 -0.04 -0.23 21.27
C GLN B 65 0.55 1.14 20.87
N ILE B 66 0.90 1.97 21.83
CA ILE B 66 1.64 3.23 21.59
C ILE B 66 3.03 2.95 21.03
N LEU B 67 3.75 2.09 21.72
CA LEU B 67 5.16 1.87 21.36
C LEU B 67 5.33 1.39 19.92
N GLN B 68 4.52 0.44 19.50
CA GLN B 68 4.64 -0.12 18.15
C GLN B 68 4.43 0.89 17.09
N GLU B 69 3.43 1.75 17.28
CA GLU B 69 3.13 2.80 16.29
C GLU B 69 4.24 3.89 16.24
N ALA B 70 4.81 4.23 17.40
CA ALA B 70 5.90 5.17 17.48
C ALA B 70 7.18 4.63 16.77
N LEU B 71 7.48 3.36 16.98
CA LEU B 71 8.57 2.70 16.31
C LEU B 71 8.39 2.74 14.80
N TRP B 72 7.17 2.44 14.34
CA TRP B 72 6.82 2.42 12.94
C TRP B 72 7.00 3.83 12.38
N THR B 73 6.62 4.86 13.13
CA THR B 73 6.86 6.22 12.71
C THR B 73 8.34 6.54 12.53
N LEU B 74 9.12 6.16 13.52
CA LEU B 74 10.52 6.43 13.46
C LEU B 74 11.22 5.65 12.36
N GLY B 75 10.93 4.36 12.20
CA GLY B 75 11.50 3.61 11.09
C GLY B 75 11.18 4.18 9.73
N ASN B 76 9.97 4.71 9.55
CA ASN B 76 9.64 5.39 8.35
C ASN B 76 10.35 6.70 8.12
N ILE B 77 10.50 7.45 9.23
CA ILE B 77 11.35 8.64 9.11
C ILE B 77 12.77 8.30 8.67
N ALA B 78 13.32 7.26 9.27
CA ALA B 78 14.63 6.74 8.94
C ALA B 78 14.75 6.10 7.57
N SER B 79 13.66 6.00 6.84
CA SER B 79 13.75 5.57 5.46
C SER B 79 13.97 6.70 4.51
N GLY B 80 14.14 7.93 5.04
CA GLY B 80 14.42 9.13 4.26
C GLY B 80 15.88 9.39 3.90
N GLY B 81 16.21 10.67 3.77
CA GLY B 81 17.56 11.11 3.53
C GLY B 81 18.50 10.99 4.71
N ASP B 82 19.80 10.99 4.42
CA ASP B 82 20.75 10.76 5.51
C ASP B 82 20.59 11.81 6.65
N GLU B 83 20.29 13.06 6.30
CA GLU B 83 20.06 14.12 7.31
C GLU B 83 18.76 13.90 8.14
N GLN B 84 17.82 13.14 7.58
CA GLN B 84 16.52 12.81 8.26
C GLN B 84 16.83 11.70 9.23
N ILE B 85 17.63 10.75 8.78
CA ILE B 85 18.15 9.75 9.70
C ILE B 85 18.98 10.42 10.82
N GLN B 86 19.85 11.35 10.45
CA GLN B 86 20.64 12.05 11.49
C GLN B 86 19.73 12.74 12.47
N ALA B 87 18.64 13.33 12.00
CA ALA B 87 17.67 14.00 12.90
C ALA B 87 17.20 13.02 13.99
N VAL B 88 16.96 11.79 13.59
CA VAL B 88 16.39 10.76 14.47
C VAL B 88 17.44 10.44 15.51
N ILE B 89 18.68 10.42 15.05
CA ILE B 89 19.81 10.16 15.92
C ILE B 89 19.98 11.26 16.92
N ASP B 90 19.93 12.51 16.42
CA ASP B 90 20.19 13.68 17.23
C ASP B 90 19.13 13.87 18.30
N ALA B 91 17.94 13.31 18.10
CA ALA B 91 16.84 13.34 19.05
C ALA B 91 16.90 12.24 20.12
N GLY B 92 17.99 11.49 20.10
CA GLY B 92 18.30 10.49 21.12
C GLY B 92 17.59 9.18 21.01
N ALA B 93 17.18 8.77 19.80
CA ALA B 93 16.49 7.47 19.65
C ALA B 93 17.36 6.27 19.97
N LEU B 94 18.65 6.32 19.71
CA LEU B 94 19.39 5.04 19.64
C LEU B 94 19.45 4.31 20.98
N PRO B 95 19.58 5.03 22.10
CA PRO B 95 19.73 4.22 23.36
C PRO B 95 18.51 3.41 23.66
N ALA B 96 17.34 4.02 23.41
CA ALA B 96 16.04 3.33 23.55
C ALA B 96 15.93 2.14 22.59
N LEU B 97 16.31 2.35 21.33
CA LEU B 97 16.31 1.29 20.36
C LEU B 97 17.22 0.15 20.75
N VAL B 98 18.40 0.45 21.25
CA VAL B 98 19.29 -0.63 21.66
C VAL B 98 18.73 -1.34 22.85
N GLN B 99 18.13 -0.60 23.79
CA GLN B 99 17.61 -1.23 24.94
C GLN B 99 16.43 -2.17 24.54
N LEU B 100 15.63 -1.78 23.53
CA LEU B 100 14.54 -2.62 23.11
C LEU B 100 15.02 -3.91 22.42
N LEU B 101 16.31 -4.01 22.07
CA LEU B 101 16.82 -5.28 21.55
C LEU B 101 16.73 -6.42 22.56
N SER B 102 16.53 -6.11 23.84
N SER B 102 16.55 -6.12 23.85
CA SER B 102 16.35 -7.13 24.87
CA SER B 102 16.36 -7.14 24.87
C SER B 102 14.88 -7.40 25.22
C SER B 102 14.88 -7.34 25.26
N SER B 103 13.94 -6.92 24.41
CA SER B 103 12.52 -7.13 24.69
C SER B 103 12.14 -8.60 24.48
N PRO B 104 11.32 -9.18 25.39
CA PRO B 104 10.70 -10.51 25.14
C PRO B 104 9.45 -10.50 24.18
N ASN B 105 9.14 -9.29 23.73
CA ASN B 105 8.04 -9.05 22.79
C ASN B 105 8.68 -8.96 21.40
N GLU B 106 8.35 -9.98 20.62
CA GLU B 106 9.02 -10.21 19.34
C GLU B 106 8.54 -9.21 18.34
N GLN B 107 7.31 -8.72 18.52
CA GLN B 107 6.83 -7.71 17.60
C GLN B 107 7.61 -6.43 17.82
N ILE B 108 7.77 -6.04 19.08
CA ILE B 108 8.56 -4.87 19.42
C ILE B 108 10.03 -5.04 19.02
N LEU B 109 10.58 -6.22 19.30
CA LEU B 109 11.96 -6.50 18.92
C LEU B 109 12.19 -6.35 17.42
N GLN B 110 11.30 -6.93 16.63
CA GLN B 110 11.48 -6.85 15.19
C GLN B 110 11.40 -5.41 14.71
N GLU B 111 10.48 -4.64 15.27
CA GLU B 111 10.33 -3.22 14.89
C GLU B 111 11.52 -2.39 15.25
N ALA B 112 12.08 -2.69 16.42
CA ALA B 112 13.25 -2.01 16.82
C ALA B 112 14.45 -2.36 15.92
N LEU B 113 14.57 -3.65 15.56
CA LEU B 113 15.65 -4.06 14.63
C LEU B 113 15.52 -3.41 13.31
N TRP B 114 14.30 -3.34 12.81
CA TRP B 114 13.98 -2.79 11.52
C TRP B 114 14.32 -1.30 11.48
N THR B 115 13.90 -0.58 12.53
CA THR B 115 14.23 0.82 12.66
C THR B 115 15.76 1.05 12.70
N LEU B 116 16.41 0.24 13.51
CA LEU B 116 17.83 0.26 13.55
C LEU B 116 18.47 -0.01 12.17
N GLY B 117 17.94 -0.95 11.42
CA GLY B 117 18.48 -1.23 10.12
C GLY B 117 18.34 -0.08 9.17
N ASN B 118 17.19 0.59 9.20
CA ASN B 118 16.99 1.78 8.41
C ASN B 118 18.02 2.84 8.73
N ILE B 119 18.23 3.09 10.02
CA ILE B 119 19.19 4.12 10.41
C ILE B 119 20.58 3.70 9.90
N ALA B 120 20.91 2.44 10.04
CA ALA B 120 22.20 1.96 9.49
C ALA B 120 22.31 1.89 8.00
N SER B 121 21.24 2.08 7.25
CA SER B 121 21.33 2.10 5.78
C SER B 121 21.86 3.43 5.28
N GLY B 122 21.98 4.35 6.24
CA GLY B 122 22.56 5.70 6.09
C GLY B 122 24.08 5.82 5.75
N GLY B 123 24.57 7.04 5.81
CA GLY B 123 25.97 7.28 5.58
C GLY B 123 26.81 6.81 6.74
N ASP B 124 28.13 6.94 6.57
CA ASP B 124 29.06 6.45 7.59
C ASP B 124 28.89 7.15 8.90
N GLU B 125 28.53 8.42 8.91
CA GLU B 125 28.20 9.07 10.18
C GLU B 125 27.03 8.40 10.97
N GLN B 126 26.00 7.98 10.25
CA GLN B 126 24.85 7.41 10.88
C GLN B 126 25.17 6.02 11.35
N ILE B 127 25.90 5.24 10.54
CA ILE B 127 26.35 3.93 10.95
C ILE B 127 27.23 4.07 12.19
N GLN B 128 28.16 5.03 12.22
CA GLN B 128 29.04 5.15 13.41
C GLN B 128 28.19 5.36 14.71
N ALA B 129 27.08 6.10 14.58
CA ALA B 129 26.29 6.38 15.76
C ALA B 129 25.64 5.10 16.28
N VAL B 130 25.17 4.26 15.35
CA VAL B 130 24.63 2.96 15.72
C VAL B 130 25.68 2.13 16.46
N ILE B 131 26.86 2.08 15.88
CA ILE B 131 27.98 1.36 16.54
C ILE B 131 28.27 1.90 17.98
N ASP B 132 28.41 3.23 18.06
CA ASP B 132 28.68 3.90 19.32
C ASP B 132 27.63 3.73 20.38
N ALA B 133 26.42 3.38 19.97
CA ALA B 133 25.32 3.16 20.90
C ALA B 133 25.27 1.73 21.47
N GLY B 134 26.26 0.92 21.08
CA GLY B 134 26.39 -0.43 21.56
C GLY B 134 25.39 -1.41 20.97
N ALA B 135 24.94 -1.18 19.73
CA ALA B 135 24.04 -2.14 19.06
C ALA B 135 24.67 -3.52 18.74
N LEU B 136 25.95 -3.54 18.47
CA LEU B 136 26.61 -4.77 17.95
C LEU B 136 26.56 -6.01 18.82
N PRO B 137 26.81 -5.89 20.14
CA PRO B 137 26.72 -7.14 20.87
C PRO B 137 25.36 -7.82 20.87
N ALA B 138 24.28 -7.08 21.05
CA ALA B 138 22.94 -7.60 20.87
C ALA B 138 22.74 -8.19 19.50
N LEU B 139 23.13 -7.46 18.46
CA LEU B 139 22.99 -7.95 17.10
C LEU B 139 23.70 -9.25 16.86
N VAL B 140 24.94 -9.36 17.35
CA VAL B 140 25.63 -10.64 17.19
C VAL B 140 24.93 -11.75 17.97
N GLN B 141 24.51 -11.46 19.21
CA GLN B 141 23.82 -12.47 20.03
C GLN B 141 22.57 -13.00 19.25
N LEU B 142 21.88 -12.07 18.56
CA LEU B 142 20.69 -12.45 17.81
C LEU B 142 20.97 -13.35 16.64
N LEU B 143 22.23 -13.49 16.22
CA LEU B 143 22.51 -14.45 15.17
C LEU B 143 22.35 -15.91 15.59
N SER B 144 22.37 -16.12 16.91
CA SER B 144 22.14 -17.41 17.49
C SER B 144 20.66 -17.65 17.74
N SER B 145 19.83 -16.69 17.39
CA SER B 145 18.40 -16.84 17.63
C SER B 145 17.83 -18.03 16.84
N PRO B 146 16.94 -18.83 17.47
CA PRO B 146 16.10 -19.87 16.87
C PRO B 146 14.77 -19.39 16.15
N ASN B 147 14.57 -18.07 16.21
CA ASN B 147 13.46 -17.38 15.57
C ASN B 147 13.95 -16.80 14.26
N GLU B 148 13.55 -17.45 13.18
CA GLU B 148 14.06 -17.12 11.81
C GLU B 148 13.64 -15.72 11.36
N GLN B 149 12.50 -15.28 11.87
CA GLN B 149 11.98 -13.92 11.58
C GLN B 149 12.86 -12.87 12.20
N ILE B 150 13.21 -13.04 13.47
CA ILE B 150 14.14 -12.13 14.14
C ILE B 150 15.56 -12.22 13.48
N LEU B 151 15.97 -13.41 13.17
CA LEU B 151 17.30 -13.65 12.59
C LEU B 151 17.49 -12.87 11.30
N GLN B 152 16.49 -12.91 10.41
CA GLN B 152 16.57 -12.20 9.16
C GLN B 152 16.75 -10.70 9.38
N GLU B 153 16.06 -10.16 10.38
CA GLU B 153 16.04 -8.72 10.63
C GLU B 153 17.39 -8.35 11.22
N ALA B 154 17.92 -9.16 12.13
CA ALA B 154 19.30 -8.92 12.68
C ALA B 154 20.40 -9.03 11.59
N LEU B 155 20.20 -9.95 10.67
CA LEU B 155 21.17 -10.12 9.57
C LEU B 155 21.15 -8.91 8.66
N TRP B 156 19.97 -8.45 8.34
CA TRP B 156 19.82 -7.23 7.50
C TRP B 156 20.43 -6.01 8.15
N THR B 157 20.17 -5.79 9.44
CA THR B 157 20.74 -4.63 10.14
C THR B 157 22.29 -4.68 10.22
N LEU B 158 22.82 -5.85 10.56
CA LEU B 158 24.28 -6.07 10.51
C LEU B 158 24.87 -5.85 9.12
N GLY B 159 24.17 -6.34 8.11
CA GLY B 159 24.52 -6.14 6.74
C GLY B 159 24.66 -4.70 6.36
N ASN B 160 23.72 -3.90 6.82
CA ASN B 160 23.76 -2.47 6.62
C ASN B 160 24.95 -1.79 7.31
N ILE B 161 25.27 -2.22 8.55
CA ILE B 161 26.36 -1.64 9.28
C ILE B 161 27.67 -1.98 8.55
N ALA B 162 27.75 -3.19 8.03
CA ALA B 162 28.94 -3.69 7.34
C ALA B 162 29.07 -3.16 5.93
N SER B 163 28.13 -2.30 5.53
N SER B 163 28.14 -2.31 5.51
CA SER B 163 28.23 -1.56 4.32
CA SER B 163 28.26 -1.56 4.27
C SER B 163 28.95 -0.25 4.49
C SER B 163 28.77 -0.15 4.56
N GLY B 164 29.39 0.04 5.72
CA GLY B 164 30.13 1.27 6.02
C GLY B 164 31.62 1.21 5.64
N GLY B 165 32.42 2.06 6.30
CA GLY B 165 33.88 2.14 6.16
C GLY B 165 34.58 0.89 6.68
N ASP B 166 35.90 0.78 6.46
CA ASP B 166 36.53 -0.47 6.81
C ASP B 166 36.56 -0.69 8.30
N GLU B 167 36.70 0.40 9.06
CA GLU B 167 36.77 0.29 10.53
C GLU B 167 35.42 -0.05 11.09
N GLN B 168 34.38 0.38 10.37
CA GLN B 168 33.04 0.04 10.72
C GLN B 168 32.79 -1.43 10.49
N ILE B 169 33.25 -1.97 9.36
CA ILE B 169 33.22 -3.39 9.20
C ILE B 169 34.04 -4.10 10.28
N GLN B 170 35.22 -3.55 10.61
CA GLN B 170 36.04 -4.16 11.67
C GLN B 170 35.31 -4.22 13.01
N ALA B 171 34.51 -3.19 13.30
CA ALA B 171 33.71 -3.18 14.53
C ALA B 171 32.83 -4.42 14.60
N VAL B 172 32.23 -4.76 13.46
CA VAL B 172 31.34 -5.92 13.34
C VAL B 172 32.13 -7.20 13.57
N ILE B 173 33.31 -7.23 12.97
CA ILE B 173 34.20 -8.33 13.15
C ILE B 173 34.61 -8.37 14.64
N ASP B 174 35.01 -7.23 15.21
CA ASP B 174 35.53 -7.30 16.59
C ASP B 174 34.44 -7.75 17.56
N ALA B 175 33.18 -7.48 17.21
CA ALA B 175 32.05 -7.95 17.99
C ALA B 175 31.78 -9.45 17.89
N GLY B 176 32.48 -10.18 17.01
CA GLY B 176 32.27 -11.63 16.95
C GLY B 176 31.29 -12.12 15.89
N ALA B 177 31.05 -11.32 14.87
CA ALA B 177 30.00 -11.68 13.90
C ALA B 177 30.47 -12.86 13.03
N LEU B 178 31.77 -12.97 12.80
CA LEU B 178 32.20 -13.90 11.72
C LEU B 178 31.97 -15.35 12.07
N PRO B 179 32.35 -15.76 13.29
CA PRO B 179 32.00 -17.16 13.59
C PRO B 179 30.52 -17.51 13.44
N ALA B 180 29.60 -16.62 13.85
CA ALA B 180 28.17 -16.92 13.77
C ALA B 180 27.72 -17.00 12.31
N LEU B 181 28.22 -16.09 11.49
CA LEU B 181 27.88 -16.11 10.08
C LEU B 181 28.42 -17.38 9.40
N VAL B 182 29.65 -17.78 9.71
CA VAL B 182 30.14 -19.00 9.12
C VAL B 182 29.31 -20.20 9.53
N GLN B 183 28.91 -20.28 10.80
CA GLN B 183 27.99 -21.37 11.22
C GLN B 183 26.70 -21.31 10.42
N LEU B 184 26.23 -20.09 10.17
CA LEU B 184 24.97 -20.02 9.44
C LEU B 184 25.13 -20.53 8.03
N LEU B 185 26.34 -20.48 7.46
CA LEU B 185 26.51 -20.98 6.10
C LEU B 185 26.38 -22.49 5.94
N SER B 186 26.28 -23.23 7.03
CA SER B 186 25.93 -24.64 7.03
C SER B 186 24.45 -24.90 7.34
N SER B 187 23.62 -23.87 7.41
CA SER B 187 22.23 -24.11 7.68
C SER B 187 21.58 -24.95 6.60
N PRO B 188 20.65 -25.84 6.97
CA PRO B 188 19.91 -26.54 5.92
C PRO B 188 18.67 -25.72 5.37
N ASN B 189 18.51 -24.52 5.94
CA ASN B 189 17.51 -23.55 5.55
C ASN B 189 18.13 -22.60 4.56
N GLU B 190 17.72 -22.71 3.29
CA GLU B 190 18.31 -21.96 2.24
C GLU B 190 17.96 -20.48 2.34
N GLN B 191 16.84 -20.15 3.01
CA GLN B 191 16.47 -18.74 3.17
C GLN B 191 17.53 -18.07 4.08
N ILE B 192 17.91 -18.75 5.14
CA ILE B 192 18.95 -18.31 6.03
C ILE B 192 20.28 -18.21 5.33
N LEU B 193 20.60 -19.19 4.51
CA LEU B 193 21.87 -19.13 3.79
C LEU B 193 21.93 -17.88 2.94
N GLN B 194 20.82 -17.53 2.28
CA GLN B 194 20.82 -16.37 1.39
C GLN B 194 21.09 -15.11 2.22
N GLU B 195 20.37 -15.03 3.32
CA GLU B 195 20.47 -13.85 4.23
C GLU B 195 21.86 -13.68 4.83
N ALA B 196 22.46 -14.80 5.21
CA ALA B 196 23.84 -14.82 5.72
C ALA B 196 24.84 -14.44 4.63
N LEU B 197 24.66 -14.94 3.42
CA LEU B 197 25.52 -14.59 2.32
C LEU B 197 25.49 -13.10 2.04
N TRP B 198 24.32 -12.50 2.12
CA TRP B 198 24.24 -11.06 1.87
C TRP B 198 25.14 -10.30 2.86
N THR B 199 25.02 -10.63 4.14
CA THR B 199 25.75 -9.95 5.17
C THR B 199 27.25 -10.25 5.09
N LEU B 200 27.56 -11.53 4.91
CA LEU B 200 28.96 -11.91 4.81
C LEU B 200 29.62 -11.22 3.61
N GLY B 201 28.93 -11.19 2.47
CA GLY B 201 29.43 -10.47 1.30
C GLY B 201 29.83 -9.04 1.59
N ASN B 202 28.96 -8.35 2.33
CA ASN B 202 29.20 -6.98 2.69
C ASN B 202 30.50 -6.88 3.50
N ILE B 203 30.64 -7.79 4.45
CA ILE B 203 31.81 -7.79 5.27
C ILE B 203 33.04 -7.99 4.39
N ALA B 204 32.92 -8.88 3.41
CA ALA B 204 34.01 -9.27 2.56
C ALA B 204 34.47 -8.17 1.64
N SER B 205 33.68 -7.12 1.47
N SER B 205 33.67 -7.12 1.50
CA SER B 205 34.05 -6.02 0.59
CA SER B 205 33.98 -6.01 0.62
C SER B 205 34.77 -4.90 1.33
C SER B 205 34.86 -4.96 1.29
N GLY B 206 35.19 -5.16 2.57
CA GLY B 206 36.07 -4.26 3.26
C GLY B 206 37.50 -4.30 2.73
N GLY B 207 38.46 -3.81 3.54
CA GLY B 207 39.90 -3.74 3.19
C GLY B 207 40.64 -5.05 3.48
N ASN B 208 41.96 -5.07 3.34
N ASN B 208 41.97 -5.05 3.34
CA ASN B 208 42.70 -6.33 3.45
CA ASN B 208 42.75 -6.29 3.45
C ASN B 208 42.64 -7.00 4.81
C ASN B 208 42.60 -6.99 4.80
N GLU B 209 42.51 -6.19 5.87
CA GLU B 209 42.38 -6.74 7.21
C GLU B 209 41.06 -7.47 7.34
N GLN B 210 40.01 -6.89 6.78
CA GLN B 210 38.67 -7.52 6.87
C GLN B 210 38.56 -8.78 5.99
N LYS B 211 39.08 -8.71 4.78
CA LYS B 211 39.10 -9.90 3.92
C LYS B 211 39.86 -11.00 4.61
N GLN B 212 41.03 -10.66 5.13
CA GLN B 212 41.84 -11.64 5.82
C GLN B 212 41.11 -12.30 7.00
N ALA B 213 40.40 -11.51 7.80
CA ALA B 213 39.66 -12.06 8.95
C ALA B 213 38.56 -12.99 8.49
N VAL B 214 37.92 -12.64 7.37
CA VAL B 214 36.93 -13.51 6.74
C VAL B 214 37.48 -14.92 6.40
N LYS B 215 38.66 -14.95 5.77
CA LYS B 215 39.39 -16.23 5.54
C LYS B 215 39.79 -16.94 6.84
N GLU B 216 40.31 -16.23 7.82
CA GLU B 216 40.64 -16.84 9.12
C GLU B 216 39.45 -17.55 9.74
N ALA B 217 38.25 -16.97 9.57
CA ALA B 217 37.06 -17.57 10.15
C ALA B 217 36.58 -18.82 9.43
N GLY B 218 37.14 -19.16 8.27
CA GLY B 218 36.70 -20.39 7.58
C GLY B 218 35.71 -20.20 6.43
N ALA B 219 35.48 -18.96 6.03
CA ALA B 219 34.41 -18.67 5.07
C ALA B 219 34.68 -19.19 3.66
N LEU B 220 35.96 -19.31 3.31
CA LEU B 220 36.30 -19.58 1.93
C LEU B 220 35.78 -20.96 1.53
N GLU B 221 36.03 -21.92 2.41
CA GLU B 221 35.59 -23.32 2.26
C GLU B 221 34.11 -23.36 1.98
N LYS B 222 33.39 -22.66 2.84
CA LYS B 222 31.96 -22.60 2.74
C LYS B 222 31.55 -21.92 1.43
N LEU B 223 32.12 -20.77 1.13
CA LEU B 223 31.75 -20.06 -0.08
C LEU B 223 32.00 -20.91 -1.37
N GLU B 224 33.17 -21.51 -1.47
CA GLU B 224 33.52 -22.36 -2.63
C GLU B 224 32.53 -23.52 -2.82
N GLN B 225 32.23 -24.12 -1.71
CA GLN B 225 31.24 -25.16 -1.71
C GLN B 225 29.85 -24.70 -2.19
N LEU B 226 29.41 -23.54 -1.72
CA LEU B 226 28.06 -23.09 -2.06
C LEU B 226 27.93 -22.65 -3.52
N GLN B 227 29.05 -22.46 -4.22
CA GLN B 227 29.07 -22.18 -5.66
C GLN B 227 28.30 -23.16 -6.53
N SER B 228 28.16 -24.40 -6.09
CA SER B 228 27.43 -25.37 -6.86
C SER B 228 26.24 -25.89 -6.04
N HIS B 229 25.61 -25.03 -5.25
CA HIS B 229 24.41 -25.40 -4.56
C HIS B 229 23.32 -25.63 -5.62
N GLU B 230 22.39 -26.52 -5.28
CA GLU B 230 21.22 -26.83 -6.12
C GLU B 230 20.45 -25.61 -6.49
N ASN B 231 20.19 -24.79 -5.48
CA ASN B 231 19.53 -23.53 -5.61
C ASN B 231 20.33 -22.45 -6.35
N GLU B 232 19.84 -22.12 -7.51
CA GLU B 232 20.62 -21.28 -8.41
C GLU B 232 20.75 -19.85 -7.85
N LYS B 233 19.78 -19.43 -7.04
CA LYS B 233 19.95 -18.14 -6.37
C LYS B 233 21.07 -18.19 -5.34
N ILE B 234 21.16 -19.30 -4.60
CA ILE B 234 22.24 -19.42 -3.64
C ILE B 234 23.60 -19.46 -4.37
N GLN B 235 23.66 -20.15 -5.51
CA GLN B 235 24.87 -20.16 -6.31
C GLN B 235 25.31 -18.77 -6.64
N LYS B 236 24.38 -17.98 -7.11
CA LYS B 236 24.68 -16.62 -7.55
C LYS B 236 25.17 -15.79 -6.36
N GLU B 237 24.57 -15.97 -5.18
CA GLU B 237 24.94 -15.14 -4.01
C GLU B 237 26.28 -15.48 -3.41
N ALA B 238 26.58 -16.75 -3.39
CA ALA B 238 27.88 -17.22 -2.95
C ALA B 238 28.98 -16.77 -3.93
N GLN B 239 28.70 -16.84 -5.22
CA GLN B 239 29.65 -16.28 -6.20
C GLN B 239 29.89 -14.79 -5.98
N GLU B 240 28.83 -14.03 -5.78
CA GLU B 240 28.95 -12.63 -5.52
C GLU B 240 29.80 -12.39 -4.26
N ALA B 241 29.53 -13.15 -3.20
CA ALA B 241 30.25 -12.97 -1.98
C ALA B 241 31.68 -13.32 -2.16
N LEU B 242 31.95 -14.35 -2.94
CA LEU B 242 33.35 -14.74 -3.16
C LEU B 242 34.12 -13.72 -4.02
N GLU B 243 33.46 -13.26 -5.07
CA GLU B 243 34.00 -12.22 -5.94
C GLU B 243 34.30 -10.97 -5.12
N LYS B 244 33.37 -10.55 -4.28
CA LYS B 244 33.60 -9.42 -3.36
C LYS B 244 34.84 -9.66 -2.47
N LEU B 245 34.92 -10.86 -1.87
CA LEU B 245 36.05 -11.20 -1.01
C LEU B 245 37.41 -11.08 -1.75
N GLN B 246 37.44 -11.58 -2.96
CA GLN B 246 38.69 -11.67 -3.72
C GLN B 246 39.00 -10.39 -4.49
N SER B 247 38.03 -9.51 -4.65
CA SER B 247 38.30 -8.11 -5.04
C SER B 247 39.38 -7.47 -4.20
N HIS C 1 -3.46 -1.67 8.04
CA HIS C 1 -4.07 -0.53 8.80
C HIS C 1 -4.63 -0.88 10.20
N HIS C 2 -5.73 -0.22 10.57
CA HIS C 2 -6.16 -0.23 11.93
C HIS C 2 -7.62 -0.53 11.87
N HIS C 3 -8.15 -1.16 12.89
CA HIS C 3 -9.57 -1.39 12.88
C HIS C 3 -10.26 -0.08 13.21
N HIS C 4 -11.41 0.15 12.62
CA HIS C 4 -12.22 1.25 13.14
C HIS C 4 -13.65 0.90 12.98
N HIS C 5 -14.40 1.14 14.04
CA HIS C 5 -15.79 0.89 14.03
C HIS C 5 -16.46 2.15 13.50
N HIS C 6 -17.13 1.99 12.36
CA HIS C 6 -17.88 3.04 11.72
C HIS C 6 -19.19 3.21 12.47
N GLY C 7 -19.40 4.35 13.07
CA GLY C 7 -20.73 4.66 13.56
C GLY C 7 -21.53 5.33 12.48
N SER C 8 -22.27 6.34 12.90
CA SER C 8 -23.07 7.14 11.98
C SER C 8 -22.18 8.15 11.22
N GLU C 9 -20.87 8.22 11.53
CA GLU C 9 -19.99 9.08 10.72
C GLU C 9 -20.01 8.61 9.28
N LEU C 10 -20.35 7.35 9.06
CA LEU C 10 -20.36 6.84 7.73
C LEU C 10 -21.49 7.34 6.77
N PRO C 11 -22.73 7.20 7.17
CA PRO C 11 -23.71 7.84 6.29
C PRO C 11 -23.57 9.39 6.25
N GLN C 12 -22.98 9.95 7.29
CA GLN C 12 -22.69 11.38 7.23
C GLN C 12 -21.78 11.68 6.05
N MET C 13 -20.76 10.87 5.85
CA MET C 13 -19.91 11.02 4.70
C MET C 13 -20.68 10.86 3.44
N VAL C 14 -21.48 9.80 3.37
CA VAL C 14 -22.28 9.57 2.18
C VAL C 14 -23.14 10.79 1.88
N GLN C 15 -23.81 11.29 2.89
CA GLN C 15 -24.62 12.51 2.69
C GLN C 15 -23.81 13.66 2.14
N GLN C 16 -22.52 13.74 2.51
CA GLN C 16 -21.74 14.85 2.04
C GLN C 16 -21.45 14.78 0.52
N LEU C 17 -21.77 13.65 -0.11
CA LEU C 17 -21.54 13.55 -1.55
C LEU C 17 -22.53 14.40 -2.30
N ASN C 18 -23.56 14.84 -1.60
CA ASN C 18 -24.46 15.79 -2.15
C ASN C 18 -24.40 17.14 -1.54
N SER C 19 -23.21 17.63 -1.23
CA SER C 19 -23.02 18.95 -0.59
C SER C 19 -22.55 19.95 -1.63
N PRO C 20 -23.08 21.21 -1.58
CA PRO C 20 -22.63 22.25 -2.52
C PRO C 20 -21.24 22.77 -2.21
N ASP C 21 -20.65 22.23 -1.13
CA ASP C 21 -19.31 22.55 -0.75
C ASP C 21 -18.44 21.42 -1.28
N GLN C 22 -17.67 21.72 -2.31
CA GLN C 22 -16.85 20.74 -3.04
C GLN C 22 -15.65 20.26 -2.21
N GLN C 23 -15.34 20.99 -1.16
CA GLN C 23 -14.16 20.57 -0.45
C GLN C 23 -14.55 19.50 0.55
N GLU C 24 -15.70 19.72 1.15
CA GLU C 24 -16.35 18.77 2.01
C GLU C 24 -16.63 17.51 1.19
N LEU C 25 -17.20 17.71 0.00
CA LEU C 25 -17.62 16.59 -0.87
C LEU C 25 -16.41 15.75 -1.18
N GLN C 26 -15.30 16.41 -1.55
CA GLN C 26 -14.10 15.67 -1.94
C GLN C 26 -13.50 14.95 -0.73
N SER C 27 -13.57 15.58 0.44
N SER C 27 -13.55 15.57 0.44
CA SER C 27 -13.06 14.94 1.66
CA SER C 27 -12.99 14.92 1.62
C SER C 27 -13.74 13.61 1.88
C SER C 27 -13.74 13.63 1.93
N ALA C 28 -15.07 13.65 1.81
CA ALA C 28 -15.87 12.46 2.03
C ALA C 28 -15.62 11.40 0.97
N LEU C 29 -15.56 11.83 -0.27
CA LEU C 29 -15.31 10.94 -1.42
C LEU C 29 -13.98 10.18 -1.22
N ARG C 30 -12.97 10.91 -0.80
CA ARG C 30 -11.66 10.29 -0.48
C ARG C 30 -11.70 9.25 0.69
N LYS C 31 -12.43 9.58 1.74
CA LYS C 31 -12.51 8.70 2.88
C LYS C 31 -13.27 7.43 2.51
N LEU C 32 -14.33 7.61 1.74
CA LEU C 32 -15.11 6.44 1.22
C LEU C 32 -14.26 5.52 0.34
N SER C 33 -13.46 6.11 -0.56
CA SER C 33 -12.62 5.32 -1.44
C SER C 33 -11.57 4.58 -0.71
N GLN C 34 -11.08 5.18 0.34
CA GLN C 34 -10.15 4.54 1.23
C GLN C 34 -10.79 3.42 1.98
N ILE C 35 -12.00 3.63 2.51
CA ILE C 35 -12.66 2.53 3.23
C ILE C 35 -12.94 1.32 2.28
N ALA C 36 -13.38 1.66 1.07
CA ALA C 36 -13.82 0.70 0.05
C ALA C 36 -12.66 -0.13 -0.50
N SER C 37 -11.45 0.31 -0.17
CA SER C 37 -10.20 -0.42 -0.50
C SER C 37 -9.80 -1.50 0.53
N GLY C 38 -10.57 -1.65 1.61
CA GLY C 38 -10.27 -2.68 2.55
C GLY C 38 -10.93 -3.97 2.12
N GLY C 39 -11.19 -4.84 3.02
CA GLY C 39 -11.87 -6.06 2.45
C GLY C 39 -13.39 -5.94 2.20
N ASP C 40 -14.00 -7.10 2.00
CA ASP C 40 -15.45 -7.18 1.81
C ASP C 40 -16.20 -6.56 2.98
N GLU C 41 -15.71 -6.75 4.17
CA GLU C 41 -16.38 -6.20 5.34
C GLU C 41 -16.51 -4.65 5.24
N GLN C 42 -15.42 -4.03 4.86
CA GLN C 42 -15.42 -2.60 4.68
C GLN C 42 -16.26 -2.18 3.52
N ILE C 43 -16.20 -2.91 2.39
CA ILE C 43 -16.92 -2.59 1.21
C ILE C 43 -18.41 -2.61 1.59
N GLN C 44 -18.78 -3.60 2.42
CA GLN C 44 -20.19 -3.73 2.81
C GLN C 44 -20.66 -2.55 3.66
N ALA C 45 -19.83 -2.10 4.56
CA ALA C 45 -20.15 -0.93 5.40
C ALA C 45 -20.43 0.31 4.51
N VAL C 46 -19.62 0.49 3.46
CA VAL C 46 -19.87 1.56 2.45
C VAL C 46 -21.20 1.38 1.73
N ILE C 47 -21.48 0.18 1.19
CA ILE C 47 -22.77 -0.12 0.55
C ILE C 47 -23.93 0.13 1.51
N ASP C 48 -23.79 -0.37 2.72
CA ASP C 48 -24.87 -0.33 3.69
C ASP C 48 -25.16 1.11 4.10
N ALA C 49 -24.14 1.97 4.16
CA ALA C 49 -24.34 3.38 4.40
C ALA C 49 -25.03 4.08 3.24
N GLY C 50 -25.39 3.35 2.21
CA GLY C 50 -26.05 3.88 1.01
C GLY C 50 -25.22 4.70 0.06
N ALA C 51 -23.90 4.52 0.03
CA ALA C 51 -23.04 5.24 -0.92
C ALA C 51 -23.36 5.13 -2.39
N LEU C 52 -23.93 4.00 -2.80
CA LEU C 52 -23.87 3.71 -4.24
C LEU C 52 -24.70 4.67 -5.09
N PRO C 53 -25.94 4.94 -4.70
CA PRO C 53 -26.71 5.84 -5.62
C PRO C 53 -26.07 7.23 -5.82
N ALA C 54 -25.48 7.74 -4.74
CA ALA C 54 -24.69 9.00 -4.76
C ALA C 54 -23.47 8.93 -5.66
N LEU C 55 -22.74 7.83 -5.55
CA LEU C 55 -21.56 7.66 -6.40
C LEU C 55 -21.96 7.55 -7.89
N VAL C 56 -23.08 6.86 -8.16
CA VAL C 56 -23.55 6.76 -9.50
C VAL C 56 -23.98 8.08 -10.04
N GLN C 57 -24.73 8.84 -9.23
CA GLN C 57 -25.08 10.20 -9.62
C GLN C 57 -23.83 11.00 -9.94
N LEU C 58 -22.73 10.81 -9.22
CA LEU C 58 -21.53 11.56 -9.51
C LEU C 58 -20.86 11.23 -10.86
N LEU C 59 -21.25 10.14 -11.49
CA LEU C 59 -20.68 9.81 -12.84
C LEU C 59 -21.02 10.76 -14.01
N SER C 60 -22.00 11.65 -13.76
CA SER C 60 -22.43 12.69 -14.68
C SER C 60 -21.68 14.00 -14.57
N SER C 61 -20.69 14.05 -13.68
CA SER C 61 -20.06 15.33 -13.35
C SER C 61 -19.03 15.80 -14.40
N PRO C 62 -19.06 17.09 -14.73
CA PRO C 62 -17.98 17.70 -15.55
C PRO C 62 -16.75 18.07 -14.75
N ASN C 63 -16.78 17.65 -13.49
CA ASN C 63 -15.69 17.81 -12.60
C ASN C 63 -14.84 16.54 -12.52
N GLU C 64 -13.72 16.60 -13.19
CA GLU C 64 -12.92 15.41 -13.33
C GLU C 64 -12.33 14.96 -11.98
N GLN C 65 -12.21 15.89 -11.05
CA GLN C 65 -11.61 15.56 -9.74
C GLN C 65 -12.60 14.75 -8.96
N ILE C 66 -13.85 15.17 -8.97
CA ILE C 66 -14.92 14.35 -8.40
C ILE C 66 -15.09 12.98 -9.10
N LEU C 67 -15.23 13.03 -10.44
CA LEU C 67 -15.48 11.83 -11.18
C LEU C 67 -14.36 10.80 -11.03
N GLN C 68 -13.11 11.21 -11.09
CA GLN C 68 -12.04 10.24 -10.97
C GLN C 68 -12.12 9.50 -9.64
N GLU C 69 -12.48 10.22 -8.60
CA GLU C 69 -12.43 9.59 -7.29
C GLU C 69 -13.62 8.71 -7.11
N ALA C 70 -14.75 9.15 -7.65
CA ALA C 70 -15.98 8.37 -7.61
C ALA C 70 -15.80 7.03 -8.41
N LEU C 71 -15.14 7.12 -9.54
CA LEU C 71 -14.87 5.89 -10.34
C LEU C 71 -14.00 4.91 -9.57
N TRP C 72 -13.01 5.45 -8.86
CA TRP C 72 -12.09 4.66 -8.09
C TRP C 72 -12.83 4.00 -6.93
N THR C 73 -13.78 4.69 -6.27
CA THR C 73 -14.58 4.10 -5.21
C THR C 73 -15.40 2.96 -5.77
N LEU C 74 -16.06 3.20 -6.90
CA LEU C 74 -16.89 2.16 -7.48
C LEU C 74 -16.08 0.95 -7.93
N GLY C 75 -14.92 1.17 -8.52
CA GLY C 75 -14.09 0.04 -8.98
C GLY C 75 -13.57 -0.77 -7.82
N ASN C 76 -13.33 -0.07 -6.71
CA ASN C 76 -12.96 -0.76 -5.48
C ASN C 76 -14.06 -1.57 -4.88
N ILE C 77 -15.29 -1.04 -4.87
CA ILE C 77 -16.43 -1.77 -4.33
C ILE C 77 -16.58 -2.99 -5.19
N ALA C 78 -16.41 -2.79 -6.49
CA ALA C 78 -16.57 -3.91 -7.44
C ALA C 78 -15.44 -4.97 -7.37
N SER C 79 -14.43 -4.79 -6.52
N SER C 79 -14.48 -4.76 -6.48
CA SER C 79 -13.42 -5.84 -6.28
CA SER C 79 -13.41 -5.72 -6.18
C SER C 79 -13.86 -6.81 -5.20
C SER C 79 -13.79 -6.66 -5.05
N GLY C 80 -15.05 -6.59 -4.65
CA GLY C 80 -15.53 -7.42 -3.58
C GLY C 80 -16.31 -8.62 -4.12
N GLY C 81 -17.24 -9.07 -3.26
CA GLY C 81 -18.08 -10.23 -3.51
C GLY C 81 -19.06 -9.99 -4.58
N ASP C 82 -19.61 -11.11 -5.13
CA ASP C 82 -20.47 -11.00 -6.27
C ASP C 82 -21.73 -10.14 -5.99
N GLU C 83 -22.23 -10.26 -4.76
CA GLU C 83 -23.43 -9.50 -4.34
C GLU C 83 -23.12 -8.04 -4.20
N GLN C 84 -21.87 -7.77 -3.89
CA GLN C 84 -21.39 -6.39 -3.80
C GLN C 84 -21.29 -5.81 -5.19
N ILE C 85 -20.82 -6.59 -6.15
CA ILE C 85 -20.85 -6.13 -7.55
C ILE C 85 -22.30 -5.90 -7.97
N GLN C 86 -23.19 -6.83 -7.60
CA GLN C 86 -24.56 -6.72 -8.03
C GLN C 86 -25.21 -5.45 -7.50
N ALA C 87 -24.78 -5.04 -6.31
CA ALA C 87 -25.20 -3.76 -5.74
C ALA C 87 -24.83 -2.60 -6.63
N VAL C 88 -23.59 -2.59 -7.11
CA VAL C 88 -23.13 -1.55 -8.01
C VAL C 88 -24.05 -1.49 -9.25
N ILE C 89 -24.33 -2.66 -9.82
CA ILE C 89 -25.26 -2.78 -10.94
C ILE C 89 -26.69 -2.32 -10.59
N ASP C 90 -27.17 -2.73 -9.42
CA ASP C 90 -28.54 -2.44 -9.06
C ASP C 90 -28.69 -0.92 -8.87
N ALA C 91 -27.61 -0.27 -8.51
CA ALA C 91 -27.57 1.19 -8.39
C ALA C 91 -27.47 1.99 -9.72
N GLY C 92 -27.28 1.29 -10.84
CA GLY C 92 -27.39 1.88 -12.14
C GLY C 92 -26.08 2.34 -12.71
N ALA C 93 -24.98 1.75 -12.25
CA ALA C 93 -23.68 2.23 -12.69
C ALA C 93 -23.40 2.04 -14.16
N LEU C 94 -23.91 0.95 -14.72
CA LEU C 94 -23.47 0.50 -16.04
C LEU C 94 -23.75 1.44 -17.18
N PRO C 95 -24.97 1.97 -17.25
CA PRO C 95 -25.25 2.85 -18.37
C PRO C 95 -24.30 4.04 -18.37
N ALA C 96 -23.98 4.56 -17.17
CA ALA C 96 -23.05 5.64 -17.08
C ALA C 96 -21.68 5.18 -17.43
N LEU C 97 -21.29 4.01 -16.92
CA LEU C 97 -19.95 3.52 -17.23
C LEU C 97 -19.83 3.27 -18.72
N VAL C 98 -20.86 2.69 -19.31
CA VAL C 98 -20.79 2.51 -20.74
C VAL C 98 -20.65 3.87 -21.46
N GLN C 99 -21.36 4.90 -21.02
CA GLN C 99 -21.23 6.20 -21.68
C GLN C 99 -19.80 6.72 -21.64
N LEU C 100 -19.10 6.50 -20.51
CA LEU C 100 -17.75 6.97 -20.33
C LEU C 100 -16.67 6.35 -21.20
N LEU C 101 -16.93 5.18 -21.81
CA LEU C 101 -15.97 4.62 -22.74
C LEU C 101 -15.82 5.50 -24.02
N SER C 102 -16.76 6.43 -24.24
CA SER C 102 -16.58 7.48 -25.25
C SER C 102 -15.74 8.67 -24.82
N SER C 103 -15.30 8.67 -23.56
CA SER C 103 -14.70 9.85 -23.04
C SER C 103 -13.43 10.13 -23.81
N PRO C 104 -13.15 11.39 -24.11
CA PRO C 104 -11.84 11.80 -24.61
C PRO C 104 -10.79 11.96 -23.51
N ASN C 105 -11.15 11.78 -22.24
CA ASN C 105 -10.19 11.88 -21.16
C ASN C 105 -9.60 10.51 -20.88
N GLU C 106 -8.31 10.32 -21.13
CA GLU C 106 -7.67 8.98 -21.06
C GLU C 106 -7.66 8.46 -19.66
N GLN C 107 -7.60 9.34 -18.69
CA GLN C 107 -7.68 8.87 -17.30
C GLN C 107 -9.05 8.32 -16.92
N ILE C 108 -10.08 9.09 -17.25
N ILE C 108 -10.09 9.08 -17.25
CA ILE C 108 -11.45 8.70 -17.04
CA ILE C 108 -11.45 8.67 -17.01
C ILE C 108 -11.72 7.42 -17.83
C ILE C 108 -11.76 7.43 -17.84
N LEU C 109 -11.26 7.39 -19.07
CA LEU C 109 -11.50 6.21 -19.94
C LEU C 109 -10.85 5.00 -19.26
N GLN C 110 -9.63 5.11 -18.82
CA GLN C 110 -9.03 3.92 -18.21
C GLN C 110 -9.74 3.50 -16.93
N GLU C 111 -10.09 4.45 -16.09
CA GLU C 111 -10.77 4.09 -14.85
C GLU C 111 -12.15 3.47 -15.06
N ALA C 112 -12.91 3.97 -16.05
CA ALA C 112 -14.17 3.39 -16.43
C ALA C 112 -14.05 1.92 -16.94
N LEU C 113 -13.06 1.69 -17.80
CA LEU C 113 -12.76 0.31 -18.25
C LEU C 113 -12.33 -0.62 -17.10
N TRP C 114 -11.52 -0.10 -16.20
CA TRP C 114 -11.10 -0.85 -15.04
C TRP C 114 -12.24 -1.25 -14.14
N THR C 115 -13.12 -0.32 -13.81
CA THR C 115 -14.40 -0.60 -13.08
C THR C 115 -15.30 -1.64 -13.73
N LEU C 116 -15.50 -1.45 -15.04
CA LEU C 116 -16.26 -2.38 -15.82
C LEU C 116 -15.64 -3.73 -15.72
N GLY C 117 -14.34 -3.80 -15.82
CA GLY C 117 -13.66 -5.10 -15.73
C GLY C 117 -13.83 -5.74 -14.38
N ASN C 118 -13.77 -4.92 -13.32
CA ASN C 118 -13.97 -5.50 -12.01
C ASN C 118 -15.39 -6.05 -11.89
N ILE C 119 -16.35 -5.33 -12.46
CA ILE C 119 -17.73 -5.79 -12.45
C ILE C 119 -17.85 -7.12 -13.25
N ALA C 120 -17.19 -7.14 -14.38
CA ALA C 120 -17.19 -8.32 -15.25
C ALA C 120 -16.38 -9.50 -14.74
N SER C 121 -15.76 -9.35 -13.58
CA SER C 121 -15.00 -10.41 -12.99
C SER C 121 -15.92 -11.17 -12.11
N GLY C 122 -17.14 -10.66 -11.94
CA GLY C 122 -18.18 -11.37 -11.21
C GLY C 122 -18.73 -12.68 -11.80
N GLY C 123 -19.89 -13.08 -11.27
CA GLY C 123 -20.60 -14.28 -11.69
C GLY C 123 -21.28 -13.99 -13.02
N ASP C 124 -21.92 -15.01 -13.56
CA ASP C 124 -22.55 -14.91 -14.88
C ASP C 124 -23.65 -13.82 -14.94
N GLU C 125 -24.41 -13.67 -13.85
CA GLU C 125 -25.39 -12.60 -13.78
C GLU C 125 -24.80 -11.23 -13.98
N GLN C 126 -23.61 -11.00 -13.42
CA GLN C 126 -22.97 -9.71 -13.40
C GLN C 126 -22.40 -9.44 -14.80
N ILE C 127 -21.84 -10.51 -15.38
CA ILE C 127 -21.25 -10.39 -16.72
C ILE C 127 -22.38 -10.02 -17.71
N GLN C 128 -23.51 -10.64 -17.54
CA GLN C 128 -24.59 -10.43 -18.48
C GLN C 128 -25.07 -9.00 -18.43
N ALA C 129 -25.15 -8.48 -17.22
CA ALA C 129 -25.51 -7.06 -17.02
C ALA C 129 -24.60 -6.18 -17.87
N VAL C 130 -23.34 -6.50 -17.87
CA VAL C 130 -22.39 -5.76 -18.62
C VAL C 130 -22.65 -5.84 -20.12
N ILE C 131 -22.86 -7.05 -20.58
CA ILE C 131 -23.32 -7.29 -21.96
C ILE C 131 -24.64 -6.61 -22.27
N ASP C 132 -25.65 -6.75 -21.41
CA ASP C 132 -26.96 -6.19 -21.65
C ASP C 132 -26.98 -4.64 -21.63
N ALA C 133 -26.05 -4.04 -20.89
CA ALA C 133 -25.96 -2.58 -20.85
C ALA C 133 -25.28 -2.09 -22.11
N GLY C 134 -24.78 -3.02 -22.94
CA GLY C 134 -24.22 -2.64 -24.22
C GLY C 134 -22.76 -2.28 -24.26
N ALA C 135 -21.92 -2.92 -23.42
CA ALA C 135 -20.47 -2.61 -23.39
C ALA C 135 -19.63 -3.14 -24.55
N LEU C 136 -20.02 -4.23 -25.15
CA LEU C 136 -19.18 -4.93 -26.14
C LEU C 136 -18.79 -4.13 -27.38
N PRO C 137 -19.72 -3.40 -27.99
CA PRO C 137 -19.27 -2.62 -29.16
C PRO C 137 -18.09 -1.64 -28.90
N ALA C 138 -18.15 -0.88 -27.81
CA ALA C 138 -17.02 -0.01 -27.51
C ALA C 138 -15.72 -0.74 -27.18
N LEU C 139 -15.81 -1.81 -26.41
CA LEU C 139 -14.64 -2.62 -26.08
C LEU C 139 -14.00 -3.20 -27.33
N VAL C 140 -14.80 -3.77 -28.21
CA VAL C 140 -14.24 -4.34 -29.45
C VAL C 140 -13.58 -3.17 -30.25
N GLN C 141 -14.29 -2.06 -30.38
CA GLN C 141 -13.72 -0.85 -30.99
C GLN C 141 -12.36 -0.49 -30.42
N LEU C 142 -12.22 -0.60 -29.09
CA LEU C 142 -10.94 -0.24 -28.45
C LEU C 142 -9.82 -1.21 -28.74
N LEU C 143 -10.14 -2.40 -29.25
CA LEU C 143 -9.07 -3.33 -29.64
C LEU C 143 -8.25 -2.70 -30.81
N SER C 144 -8.84 -1.67 -31.43
CA SER C 144 -8.17 -0.88 -32.47
C SER C 144 -7.45 0.33 -31.97
N SER C 145 -7.57 0.64 -30.67
CA SER C 145 -6.93 1.81 -30.13
C SER C 145 -5.44 1.82 -30.39
N PRO C 146 -4.89 2.98 -30.78
CA PRO C 146 -3.46 3.12 -30.88
C PRO C 146 -2.84 3.34 -29.47
N ASN C 147 -3.68 3.40 -28.44
CA ASN C 147 -3.19 3.64 -27.06
C ASN C 147 -3.00 2.32 -26.31
N GLU C 148 -1.74 1.96 -26.06
CA GLU C 148 -1.38 0.64 -25.53
C GLU C 148 -1.92 0.50 -24.14
N GLN C 149 -1.89 1.62 -23.41
CA GLN C 149 -2.41 1.61 -22.05
C GLN C 149 -3.91 1.37 -21.97
N ILE C 150 -4.68 2.00 -22.85
CA ILE C 150 -6.11 1.74 -22.97
C ILE C 150 -6.39 0.30 -23.51
N LEU C 151 -5.57 -0.12 -24.48
CA LEU C 151 -5.72 -1.43 -25.11
C LEU C 151 -5.67 -2.53 -24.02
N GLN C 152 -4.69 -2.46 -23.15
CA GLN C 152 -4.52 -3.50 -22.13
C GLN C 152 -5.73 -3.54 -21.23
N GLU C 153 -6.29 -2.37 -20.91
CA GLU C 153 -7.46 -2.36 -20.04
C GLU C 153 -8.63 -2.94 -20.76
N ALA C 154 -8.81 -2.56 -22.03
CA ALA C 154 -9.89 -3.14 -22.80
C ALA C 154 -9.75 -4.67 -22.94
N LEU C 155 -8.52 -5.18 -23.18
CA LEU C 155 -8.30 -6.63 -23.31
C LEU C 155 -8.65 -7.35 -22.00
N TRP C 156 -8.31 -6.74 -20.87
CA TRP C 156 -8.63 -7.34 -19.57
C TRP C 156 -10.13 -7.44 -19.33
N THR C 157 -10.84 -6.35 -19.52
CA THR C 157 -12.29 -6.35 -19.37
C THR C 157 -12.95 -7.37 -20.28
N LEU C 158 -12.47 -7.43 -21.53
CA LEU C 158 -13.01 -8.36 -22.50
C LEU C 158 -12.72 -9.78 -22.04
N GLY C 159 -11.51 -10.03 -21.55
CA GLY C 159 -11.14 -11.37 -21.11
C GLY C 159 -11.96 -11.75 -19.92
N ASN C 160 -12.34 -10.78 -19.09
CA ASN C 160 -13.22 -11.10 -17.96
C ASN C 160 -14.62 -11.47 -18.39
N ILE C 161 -15.14 -10.76 -19.37
CA ILE C 161 -16.43 -11.11 -19.92
C ILE C 161 -16.34 -12.52 -20.54
N ALA C 162 -15.21 -12.84 -21.15
CA ALA C 162 -15.03 -14.15 -21.79
C ALA C 162 -14.66 -15.25 -20.79
N SER C 163 -14.90 -15.02 -19.50
CA SER C 163 -14.73 -16.03 -18.49
C SER C 163 -16.07 -16.39 -17.90
N GLY C 164 -17.16 -15.95 -18.47
CA GLY C 164 -18.45 -16.45 -18.01
C GLY C 164 -18.88 -17.71 -18.75
N GLY C 165 -20.19 -17.86 -18.85
CA GLY C 165 -20.77 -18.98 -19.55
C GLY C 165 -20.67 -18.87 -21.07
N ASP C 166 -20.96 -20.00 -21.72
CA ASP C 166 -20.61 -20.13 -23.12
C ASP C 166 -21.40 -19.11 -23.93
N GLU C 167 -22.62 -18.83 -23.50
CA GLU C 167 -23.45 -17.81 -24.18
C GLU C 167 -22.87 -16.40 -24.01
N GLN C 168 -22.06 -16.18 -22.99
CA GLN C 168 -21.46 -14.87 -22.82
C GLN C 168 -20.18 -14.74 -23.65
N ILE C 169 -19.41 -15.83 -23.70
CA ILE C 169 -18.30 -15.91 -24.61
C ILE C 169 -18.82 -15.70 -26.04
N GLN C 170 -20.01 -16.23 -26.33
CA GLN C 170 -20.56 -16.17 -27.68
C GLN C 170 -21.00 -14.72 -27.98
N ALA C 171 -21.56 -14.03 -26.97
CA ALA C 171 -21.80 -12.53 -27.12
C ALA C 171 -20.57 -11.80 -27.52
N VAL C 172 -19.44 -12.19 -26.96
CA VAL C 172 -18.17 -11.54 -27.30
C VAL C 172 -17.80 -11.82 -28.78
N ILE C 173 -17.79 -13.08 -29.15
CA ILE C 173 -17.53 -13.51 -30.55
C ILE C 173 -18.47 -12.80 -31.54
N ASP C 174 -19.76 -12.75 -31.21
CA ASP C 174 -20.77 -12.10 -32.07
C ASP C 174 -20.57 -10.62 -32.17
N ALA C 175 -20.10 -10.00 -31.10
CA ALA C 175 -19.79 -8.58 -31.17
C ALA C 175 -18.54 -8.34 -32.06
N GLY C 176 -17.91 -9.40 -32.55
CA GLY C 176 -16.84 -9.27 -33.58
C GLY C 176 -15.45 -9.19 -33.03
N ALA C 177 -15.25 -9.81 -31.88
CA ALA C 177 -13.97 -9.72 -31.21
C ALA C 177 -12.87 -10.52 -31.88
N LEU C 178 -13.22 -11.59 -32.60
CA LEU C 178 -12.18 -12.52 -32.96
C LEU C 178 -11.20 -11.97 -34.00
N PRO C 179 -11.68 -11.34 -35.06
CA PRO C 179 -10.67 -10.79 -35.98
C PRO C 179 -9.68 -9.81 -35.34
N ALA C 180 -10.17 -8.89 -34.52
CA ALA C 180 -9.29 -7.96 -33.80
C ALA C 180 -8.23 -8.68 -32.92
N LEU C 181 -8.70 -9.64 -32.14
CA LEU C 181 -7.81 -10.44 -31.36
C LEU C 181 -6.73 -11.14 -32.21
N VAL C 182 -7.13 -11.85 -33.25
CA VAL C 182 -6.12 -12.57 -34.03
C VAL C 182 -5.08 -11.61 -34.61
N GLN C 183 -5.58 -10.46 -35.09
CA GLN C 183 -4.71 -9.41 -35.58
C GLN C 183 -3.71 -8.94 -34.52
N LEU C 184 -4.14 -8.87 -33.26
CA LEU C 184 -3.23 -8.49 -32.18
C LEU C 184 -2.21 -9.57 -31.94
N LEU C 185 -2.53 -10.81 -32.27
CA LEU C 185 -1.51 -11.83 -32.20
C LEU C 185 -0.34 -11.63 -33.17
N SER C 186 -0.48 -10.72 -34.16
CA SER C 186 0.60 -10.41 -35.10
C SER C 186 1.30 -9.10 -34.73
N SER C 187 0.82 -8.48 -33.67
CA SER C 187 1.48 -7.33 -33.18
C SER C 187 2.95 -7.62 -32.99
N PRO C 188 3.77 -6.64 -33.27
CA PRO C 188 5.17 -6.78 -32.94
C PRO C 188 5.43 -6.41 -31.49
N ASN C 189 4.39 -6.01 -30.78
CA ASN C 189 4.55 -5.66 -29.37
C ASN C 189 4.24 -6.89 -28.53
N GLU C 190 5.28 -7.45 -27.92
CA GLU C 190 5.14 -8.73 -27.24
C GLU C 190 4.26 -8.58 -26.02
N GLN C 191 4.30 -7.40 -25.41
CA GLN C 191 3.49 -7.19 -24.25
C GLN C 191 2.09 -7.23 -24.71
N ILE C 192 1.75 -6.68 -25.90
CA ILE C 192 0.37 -6.70 -26.40
C ILE C 192 0.04 -8.17 -26.79
N LEU C 193 1.02 -8.84 -27.36
CA LEU C 193 0.85 -10.28 -27.70
C LEU C 193 0.34 -11.05 -26.49
N GLN C 194 0.99 -10.84 -25.36
CA GLN C 194 0.59 -11.58 -24.12
C GLN C 194 -0.86 -11.28 -23.72
N GLU C 195 -1.21 -9.99 -23.70
CA GLU C 195 -2.53 -9.61 -23.29
C GLU C 195 -3.64 -10.18 -24.17
N ALA C 196 -3.42 -10.22 -25.49
CA ALA C 196 -4.40 -10.76 -26.36
C ALA C 196 -4.41 -12.31 -26.23
N LEU C 197 -3.27 -12.95 -25.93
CA LEU C 197 -3.28 -14.43 -25.67
C LEU C 197 -4.15 -14.75 -24.45
N TRP C 198 -4.09 -13.88 -23.45
CA TRP C 198 -4.87 -14.11 -22.24
C TRP C 198 -6.33 -14.07 -22.56
N THR C 199 -6.76 -13.07 -23.31
CA THR C 199 -8.17 -12.93 -23.64
C THR C 199 -8.63 -14.00 -24.60
N LEU C 200 -7.78 -14.32 -25.57
CA LEU C 200 -8.17 -15.40 -26.52
C LEU C 200 -8.25 -16.72 -25.78
N GLY C 201 -7.35 -16.93 -24.82
CA GLY C 201 -7.36 -18.17 -24.06
C GLY C 201 -8.69 -18.38 -23.36
N ASN C 202 -9.21 -17.33 -22.76
CA ASN C 202 -10.48 -17.41 -22.13
C ASN C 202 -11.59 -17.78 -23.11
N ILE C 203 -11.56 -17.18 -24.30
CA ILE C 203 -12.56 -17.44 -25.25
C ILE C 203 -12.44 -18.96 -25.67
N ALA C 204 -11.21 -19.46 -25.73
CA ALA C 204 -10.95 -20.79 -26.21
C ALA C 204 -11.48 -21.82 -25.26
N SER C 205 -11.72 -21.43 -24.00
CA SER C 205 -12.15 -22.37 -23.00
C SER C 205 -13.67 -22.47 -22.98
N GLY C 206 -14.36 -21.88 -23.96
CA GLY C 206 -15.79 -22.17 -24.16
C GLY C 206 -16.01 -23.56 -24.73
N GLY C 207 -17.27 -23.86 -25.00
CA GLY C 207 -17.67 -25.09 -25.60
C GLY C 207 -17.41 -25.18 -27.09
N ASN C 208 -17.91 -26.23 -27.67
CA ASN C 208 -17.49 -26.57 -28.97
C ASN C 208 -17.80 -25.54 -30.06
N GLU C 209 -18.92 -24.82 -29.96
CA GLU C 209 -19.28 -23.82 -30.95
C GLU C 209 -18.33 -22.62 -30.87
N GLN C 210 -17.93 -22.26 -29.65
CA GLN C 210 -17.01 -21.16 -29.44
C GLN C 210 -15.60 -21.53 -29.89
N LYS C 211 -15.17 -22.76 -29.56
CA LYS C 211 -13.88 -23.22 -30.02
C LYS C 211 -13.88 -23.25 -31.58
N GLN C 212 -15.01 -23.67 -32.13
CA GLN C 212 -15.33 -23.62 -33.61
C GLN C 212 -15.00 -22.22 -34.21
N ALA C 213 -15.42 -21.20 -33.50
CA ALA C 213 -15.27 -19.83 -34.01
C ALA C 213 -13.84 -19.39 -33.92
N VAL C 214 -13.17 -19.74 -32.82
CA VAL C 214 -11.75 -19.50 -32.65
C VAL C 214 -10.93 -20.15 -33.79
N LYS C 215 -11.14 -21.41 -34.08
CA LYS C 215 -10.41 -22.10 -35.21
C LYS C 215 -10.60 -21.56 -36.66
N GLU C 216 -11.89 -21.31 -36.95
CA GLU C 216 -12.35 -20.52 -38.08
C GLU C 216 -11.70 -19.13 -38.23
N ALA C 217 -11.44 -18.44 -37.12
CA ALA C 217 -10.76 -17.16 -37.11
C ALA C 217 -9.27 -17.28 -37.38
N GLY C 218 -8.73 -18.49 -37.31
CA GLY C 218 -7.32 -18.67 -37.64
C GLY C 218 -6.34 -18.67 -36.49
N ALA C 219 -6.85 -18.77 -35.25
CA ALA C 219 -6.02 -18.70 -34.05
C ALA C 219 -5.06 -19.88 -33.92
N LEU C 220 -5.52 -21.05 -34.36
CA LEU C 220 -4.74 -22.27 -34.16
C LEU C 220 -3.35 -22.12 -34.78
N GLU C 221 -3.30 -21.70 -36.03
CA GLU C 221 -2.05 -21.72 -36.77
C GLU C 221 -1.15 -20.66 -36.17
N LYS C 222 -1.80 -19.55 -35.88
CA LYS C 222 -1.18 -18.47 -35.14
C LYS C 222 -0.53 -18.94 -33.84
N LEU C 223 -1.31 -19.66 -33.04
CA LEU C 223 -0.89 -20.15 -31.77
C LEU C 223 0.22 -21.18 -31.99
N GLU C 224 -0.01 -22.09 -32.93
CA GLU C 224 1.03 -23.02 -33.37
C GLU C 224 2.35 -22.32 -33.65
N GLN C 225 2.30 -21.21 -34.39
CA GLN C 225 3.51 -20.42 -34.69
C GLN C 225 4.15 -19.79 -33.48
N LEU C 226 3.34 -19.16 -32.63
CA LEU C 226 3.81 -18.60 -31.36
C LEU C 226 4.43 -19.60 -30.39
N GLN C 227 4.22 -20.89 -30.62
CA GLN C 227 4.83 -21.92 -29.80
C GLN C 227 6.36 -21.91 -29.86
N SER C 228 6.94 -21.34 -30.91
CA SER C 228 8.39 -21.09 -30.87
C SER C 228 8.68 -19.61 -31.00
N HIS C 229 8.02 -18.82 -30.17
CA HIS C 229 8.39 -17.46 -30.00
C HIS C 229 9.65 -17.54 -29.14
N GLU C 230 10.58 -16.64 -29.35
CA GLU C 230 11.81 -16.58 -28.55
C GLU C 230 11.43 -16.31 -27.08
N ASN C 231 10.37 -15.54 -26.90
CA ASN C 231 9.90 -15.16 -25.58
C ASN C 231 9.21 -16.34 -24.88
N GLU C 232 9.91 -16.88 -23.89
CA GLU C 232 9.49 -18.08 -23.18
C GLU C 232 8.11 -17.96 -22.59
N LYS C 233 7.78 -16.74 -22.14
CA LYS C 233 6.47 -16.46 -21.60
C LYS C 233 5.39 -16.55 -22.65
N ILE C 234 5.65 -15.93 -23.79
CA ILE C 234 4.73 -16.01 -24.93
C ILE C 234 4.57 -17.51 -25.33
N GLN C 235 5.67 -18.23 -25.42
CA GLN C 235 5.63 -19.69 -25.78
C GLN C 235 4.59 -20.41 -24.89
N LYS C 236 4.80 -20.27 -23.59
CA LYS C 236 3.98 -20.93 -22.56
C LYS C 236 2.50 -20.55 -22.69
N GLU C 237 2.21 -19.26 -22.91
CA GLU C 237 0.82 -18.84 -22.99
C GLU C 237 0.16 -19.29 -24.28
N ALA C 238 0.95 -19.41 -25.35
CA ALA C 238 0.41 -19.88 -26.63
C ALA C 238 0.03 -21.36 -26.49
N GLN C 239 0.94 -22.11 -25.87
CA GLN C 239 0.71 -23.55 -25.56
C GLN C 239 -0.55 -23.75 -24.69
N GLU C 240 -0.60 -23.02 -23.57
CA GLU C 240 -1.76 -23.02 -22.65
C GLU C 240 -3.04 -22.85 -23.47
N ALA C 241 -3.11 -21.78 -24.26
CA ALA C 241 -4.30 -21.47 -25.04
C ALA C 241 -4.60 -22.53 -26.04
N LEU C 242 -3.57 -23.18 -26.57
CA LEU C 242 -3.75 -24.18 -27.59
C LEU C 242 -4.41 -25.47 -27.04
N GLU C 243 -4.09 -25.78 -25.79
CA GLU C 243 -4.77 -26.85 -25.08
C GLU C 243 -6.13 -26.31 -24.73
N LYS C 244 -6.13 -25.22 -23.92
CA LYS C 244 -7.39 -24.55 -23.57
C LYS C 244 -8.32 -24.69 -24.78
N LEU C 245 -7.79 -24.38 -25.98
CA LEU C 245 -8.53 -24.57 -27.24
C LEU C 245 -8.62 -26.05 -27.49
N HIS D 1 8.43 -3.91 3.11
CA HIS D 1 7.78 -5.20 2.77
C HIS D 1 8.77 -6.31 3.20
N HIS D 2 9.62 -6.73 2.27
CA HIS D 2 10.61 -7.72 2.61
C HIS D 2 11.90 -7.12 2.16
N HIS D 3 12.97 -7.47 2.83
CA HIS D 3 14.26 -6.98 2.41
C HIS D 3 14.73 -7.79 1.22
N HIS D 4 15.37 -7.14 0.25
CA HIS D 4 16.03 -7.97 -0.76
C HIS D 4 17.26 -7.27 -1.18
N HIS D 5 18.33 -8.04 -1.22
CA HIS D 5 19.61 -7.58 -1.64
C HIS D 5 19.67 -7.77 -3.14
N HIS D 6 19.70 -6.65 -3.83
CA HIS D 6 19.73 -6.56 -5.28
C HIS D 6 21.12 -6.98 -5.79
N GLY D 7 21.22 -7.97 -6.62
CA GLY D 7 22.55 -8.24 -7.14
C GLY D 7 22.75 -7.53 -8.44
N SER D 8 23.38 -8.25 -9.36
CA SER D 8 23.45 -7.83 -10.74
C SER D 8 22.06 -7.96 -11.44
N GLU D 9 21.06 -8.51 -10.73
CA GLU D 9 19.65 -8.51 -11.20
C GLU D 9 19.23 -7.13 -11.59
N LEU D 10 19.71 -6.15 -10.84
CA LEU D 10 19.25 -4.82 -11.05
C LEU D 10 19.74 -4.12 -12.37
N PRO D 11 21.05 -4.15 -12.60
CA PRO D 11 21.42 -3.57 -13.88
C PRO D 11 20.85 -4.37 -15.09
N GLN D 12 20.61 -5.64 -14.89
CA GLN D 12 19.96 -6.43 -15.93
C GLN D 12 18.56 -5.89 -16.26
N MET D 13 17.80 -5.52 -15.23
CA MET D 13 16.51 -4.92 -15.46
C MET D 13 16.63 -3.65 -16.21
N VAL D 14 17.58 -2.80 -15.79
CA VAL D 14 17.78 -1.53 -16.46
C VAL D 14 18.08 -1.76 -17.93
N GLN D 15 19.00 -2.69 -18.19
CA GLN D 15 19.33 -3.01 -19.60
C GLN D 15 18.13 -3.46 -20.38
N GLN D 16 17.18 -4.11 -19.72
CA GLN D 16 15.99 -4.52 -20.41
C GLN D 16 15.12 -3.34 -20.83
N LEU D 17 15.42 -2.12 -20.36
CA LEU D 17 14.59 -0.99 -20.80
C LEU D 17 14.93 -0.61 -22.23
N ASN D 18 15.98 -1.20 -22.77
CA ASN D 18 16.30 -1.06 -24.16
C ASN D 18 16.15 -2.34 -24.94
N SER D 19 15.15 -3.16 -24.62
CA SER D 19 14.95 -4.44 -25.30
C SER D 19 13.87 -4.27 -26.34
N PRO D 20 14.01 -4.93 -27.52
CA PRO D 20 12.97 -4.93 -28.53
C PRO D 20 11.75 -5.77 -28.20
N ASP D 21 11.84 -6.49 -27.07
CA ASP D 21 10.74 -7.30 -26.61
C ASP D 21 10.03 -6.46 -25.53
N GLN D 22 8.86 -5.97 -25.89
CA GLN D 22 8.10 -5.05 -25.04
C GLN D 22 7.59 -5.70 -23.76
N GLN D 23 7.54 -7.02 -23.74
CA GLN D 23 6.93 -7.66 -22.60
C GLN D 23 8.01 -7.78 -21.53
N GLU D 24 9.22 -8.01 -21.98
CA GLU D 24 10.40 -7.97 -21.16
C GLU D 24 10.58 -6.52 -20.63
N LEU D 25 10.44 -5.59 -21.55
CA LEU D 25 10.70 -4.19 -21.25
C LEU D 25 9.73 -3.78 -20.15
N GLN D 26 8.46 -4.19 -20.34
CA GLN D 26 7.45 -3.75 -19.39
C GLN D 26 7.64 -4.43 -18.03
N SER D 27 7.99 -5.70 -18.08
CA SER D 27 8.20 -6.42 -16.82
C SER D 27 9.26 -5.70 -16.01
N ALA D 28 10.35 -5.31 -16.65
CA ALA D 28 11.44 -4.67 -15.97
C ALA D 28 11.10 -3.29 -15.41
N LEU D 29 10.40 -2.51 -16.23
CA LEU D 29 9.89 -1.18 -15.88
C LEU D 29 8.99 -1.24 -14.65
N ARG D 30 8.12 -2.24 -14.60
CA ARG D 30 7.26 -2.41 -13.41
C ARG D 30 8.06 -2.73 -12.14
N LYS D 31 9.06 -3.57 -12.27
CA LYS D 31 9.85 -3.97 -11.13
C LYS D 31 10.68 -2.80 -10.63
N LEU D 32 11.21 -2.03 -11.57
CA LEU D 32 11.92 -0.80 -11.24
C LEU D 32 11.05 0.20 -10.50
N SER D 33 9.83 0.42 -11.00
CA SER D 33 8.95 1.37 -10.39
C SER D 33 8.55 0.94 -8.98
N GLN D 34 8.43 -0.35 -8.78
CA GLN D 34 8.16 -0.92 -7.47
C GLN D 34 9.33 -0.72 -6.55
N ILE D 35 10.54 -0.97 -7.02
CA ILE D 35 11.68 -0.78 -6.16
C ILE D 35 11.83 0.72 -5.73
N ALA D 36 11.59 1.61 -6.70
CA ALA D 36 11.76 3.07 -6.56
C ALA D 36 10.70 3.65 -5.62
N SER D 37 9.68 2.85 -5.31
N SER D 37 9.70 2.85 -5.26
CA SER D 37 8.64 3.21 -4.35
CA SER D 37 8.65 3.24 -4.28
C SER D 37 9.03 2.96 -2.89
C SER D 37 9.02 2.94 -2.84
N GLY D 38 10.19 2.34 -2.63
CA GLY D 38 10.65 2.04 -1.30
C GLY D 38 11.34 3.29 -0.75
N GLY D 39 12.22 3.16 0.19
CA GLY D 39 12.79 4.46 0.65
C GLY D 39 13.95 4.97 -0.21
N ASP D 40 14.65 5.92 0.34
CA ASP D 40 15.85 6.48 -0.33
C ASP D 40 16.90 5.40 -0.66
N GLU D 41 17.05 4.43 0.20
CA GLU D 41 18.03 3.34 -0.04
C GLU D 41 17.69 2.60 -1.36
N GLN D 42 16.40 2.31 -1.54
N GLN D 42 16.40 2.31 -1.52
CA GLN D 42 15.96 1.65 -2.75
CA GLN D 42 15.96 1.64 -2.71
C GLN D 42 16.06 2.53 -3.96
C GLN D 42 16.03 2.52 -3.96
N ILE D 43 15.67 3.80 -3.83
CA ILE D 43 15.74 4.74 -4.91
C ILE D 43 17.20 4.88 -5.37
N GLN D 44 18.13 4.82 -4.40
CA GLN D 44 19.55 4.95 -4.75
C GLN D 44 20.08 3.73 -5.48
N ALA D 45 19.61 2.57 -5.14
CA ALA D 45 19.99 1.35 -5.84
C ALA D 45 19.55 1.43 -7.32
N VAL D 46 18.33 1.91 -7.53
CA VAL D 46 17.84 2.14 -8.94
C VAL D 46 18.68 3.19 -9.68
N ILE D 47 18.96 4.32 -9.06
CA ILE D 47 19.86 5.31 -9.67
C ILE D 47 21.25 4.72 -9.94
N ASP D 48 21.81 4.06 -8.94
CA ASP D 48 23.12 3.46 -9.11
C ASP D 48 23.19 2.40 -10.19
N ALA D 49 22.13 1.63 -10.40
CA ALA D 49 22.06 0.68 -11.49
C ALA D 49 21.96 1.38 -12.84
N GLY D 50 21.96 2.69 -12.86
CA GLY D 50 21.92 3.46 -14.08
C GLY D 50 20.59 3.56 -14.77
N ALA D 51 19.47 3.44 -14.10
CA ALA D 51 18.15 3.54 -14.75
C ALA D 51 17.77 4.88 -15.35
N LEU D 52 18.38 5.97 -14.86
CA LEU D 52 17.80 7.27 -15.20
C LEU D 52 17.87 7.60 -16.71
N PRO D 53 19.06 7.48 -17.33
CA PRO D 53 19.04 7.83 -18.79
C PRO D 53 18.04 6.97 -19.65
N ALA D 54 17.85 5.72 -19.27
CA ALA D 54 16.89 4.85 -19.95
C ALA D 54 15.49 5.31 -19.73
N LEU D 55 15.16 5.66 -18.49
CA LEU D 55 13.84 6.15 -18.21
C LEU D 55 13.58 7.48 -18.95
N VAL D 56 14.57 8.36 -18.97
CA VAL D 56 14.41 9.59 -19.70
C VAL D 56 14.19 9.34 -21.17
N GLN D 57 15.00 8.48 -21.75
CA GLN D 57 14.83 8.13 -23.16
C GLN D 57 13.41 7.60 -23.40
N LEU D 58 12.82 6.92 -22.43
CA LEU D 58 11.47 6.43 -22.63
C LEU D 58 10.40 7.52 -22.62
N LEU D 59 10.73 8.73 -22.21
CA LEU D 59 9.72 9.82 -22.28
C LEU D 59 9.26 10.26 -23.69
N SER D 60 9.99 9.83 -24.71
CA SER D 60 9.67 10.05 -26.12
C SER D 60 8.75 9.04 -26.77
N SER D 61 8.32 8.02 -26.01
CA SER D 61 7.62 6.91 -26.61
C SER D 61 6.14 7.24 -26.91
N PRO D 62 5.58 6.74 -28.04
CA PRO D 62 4.12 6.80 -28.41
C PRO D 62 3.27 5.66 -27.90
N ASN D 63 3.98 4.97 -27.03
CA ASN D 63 3.50 3.86 -26.30
C ASN D 63 3.13 4.31 -24.93
N GLU D 64 1.85 4.57 -24.74
CA GLU D 64 1.41 5.15 -23.47
C GLU D 64 1.58 4.20 -22.28
N GLN D 65 1.65 2.91 -22.55
CA GLN D 65 1.84 1.91 -21.48
C GLN D 65 3.25 1.99 -20.95
N ILE D 66 4.24 2.08 -21.83
CA ILE D 66 5.61 2.32 -21.41
C ILE D 66 5.76 3.67 -20.71
N LEU D 67 5.25 4.73 -21.37
CA LEU D 67 5.45 6.05 -20.88
C LEU D 67 4.86 6.27 -19.50
N GLN D 68 3.64 5.84 -19.30
CA GLN D 68 3.01 6.02 -18.01
C GLN D 68 3.86 5.39 -16.88
N GLU D 69 4.48 4.25 -17.17
CA GLU D 69 5.15 3.56 -16.09
C GLU D 69 6.48 4.17 -15.87
N ALA D 70 7.14 4.61 -16.93
CA ALA D 70 8.37 5.33 -16.84
C ALA D 70 8.18 6.67 -16.03
N LEU D 71 7.11 7.38 -16.31
CA LEU D 71 6.79 8.62 -15.55
C LEU D 71 6.64 8.36 -14.07
N TRP D 72 5.99 7.25 -13.76
CA TRP D 72 5.72 6.86 -12.41
C TRP D 72 7.00 6.48 -11.69
N THR D 73 7.91 5.76 -12.37
CA THR D 73 9.23 5.49 -11.82
C THR D 73 9.95 6.76 -11.52
N LEU D 74 9.99 7.66 -12.49
CA LEU D 74 10.71 8.92 -12.30
C LEU D 74 10.08 9.78 -11.19
N GLY D 75 8.77 9.84 -11.11
CA GLY D 75 8.15 10.60 -10.01
C GLY D 75 8.48 10.01 -8.64
N ASN D 76 8.53 8.68 -8.58
CA ASN D 76 8.89 7.99 -7.36
C ASN D 76 10.33 8.24 -6.98
N ILE D 77 11.23 8.25 -7.96
CA ILE D 77 12.63 8.56 -7.69
C ILE D 77 12.72 9.98 -7.15
N ALA D 78 11.96 10.87 -7.76
CA ALA D 78 12.01 12.28 -7.33
C ALA D 78 11.27 12.52 -6.01
N SER D 79 10.77 11.46 -5.39
CA SER D 79 10.20 11.58 -4.02
C SER D 79 11.26 11.29 -2.96
N GLY D 80 12.50 11.15 -3.42
CA GLY D 80 13.61 10.90 -2.49
C GLY D 80 14.33 12.18 -2.07
N GLY D 81 15.62 11.99 -1.76
CA GLY D 81 16.51 13.06 -1.29
C GLY D 81 16.84 14.02 -2.36
N ASP D 82 17.38 15.20 -1.97
CA ASP D 82 17.56 16.26 -2.94
C ASP D 82 18.59 15.89 -4.04
N GLU D 83 19.59 15.12 -3.64
CA GLU D 83 20.63 14.63 -4.58
C GLU D 83 20.04 13.61 -5.53
N GLN D 84 19.03 12.87 -5.09
CA GLN D 84 18.33 11.96 -5.97
C GLN D 84 17.48 12.71 -6.99
N ILE D 85 16.81 13.77 -6.57
CA ILE D 85 16.12 14.67 -7.50
C ILE D 85 17.11 15.23 -8.54
N GLN D 86 18.30 15.62 -8.07
CA GLN D 86 19.26 16.29 -8.96
C GLN D 86 19.70 15.30 -10.04
N ALA D 87 19.80 14.05 -9.63
CA ALA D 87 20.09 12.95 -10.56
C ALA D 87 19.07 12.85 -11.65
N VAL D 88 17.79 12.93 -11.30
CA VAL D 88 16.73 12.98 -12.30
C VAL D 88 17.01 14.17 -13.26
N ILE D 89 17.32 15.35 -12.69
CA ILE D 89 17.66 16.50 -13.50
C ILE D 89 18.93 16.30 -14.38
N ASP D 90 19.97 15.72 -13.80
CA ASP D 90 21.22 15.63 -14.47
C ASP D 90 21.04 14.67 -15.65
N ALA D 91 20.09 13.76 -15.54
CA ALA D 91 19.79 12.84 -16.63
C ALA D 91 18.90 13.41 -17.78
N GLY D 92 18.37 14.62 -17.62
CA GLY D 92 17.71 15.33 -18.71
C GLY D 92 16.24 15.17 -18.70
N ALA D 93 15.65 14.86 -17.55
CA ALA D 93 14.23 14.68 -17.52
C ALA D 93 13.40 15.90 -17.86
N LEU D 94 13.86 17.09 -17.49
CA LEU D 94 12.98 18.27 -17.49
C LEU D 94 12.48 18.70 -18.85
N PRO D 95 13.37 18.77 -19.84
CA PRO D 95 12.89 19.25 -21.15
C PRO D 95 11.80 18.33 -21.66
N ALA D 96 11.96 17.02 -21.45
CA ALA D 96 10.94 16.08 -21.87
C ALA D 96 9.67 16.23 -21.06
N LEU D 97 9.81 16.40 -19.76
CA LEU D 97 8.65 16.63 -18.90
C LEU D 97 7.93 17.92 -19.28
N VAL D 98 8.70 18.95 -19.52
CA VAL D 98 8.07 20.20 -19.87
C VAL D 98 7.32 20.02 -21.20
N GLN D 99 7.93 19.32 -22.15
CA GLN D 99 7.22 19.03 -23.41
C GLN D 99 5.92 18.26 -23.21
N LEU D 100 5.86 17.37 -22.21
CA LEU D 100 4.63 16.58 -21.97
C LEU D 100 3.47 17.35 -21.38
N LEU D 101 3.74 18.54 -20.82
CA LEU D 101 2.66 19.38 -20.34
C LEU D 101 1.73 19.89 -21.48
N SER D 102 2.18 19.74 -22.73
CA SER D 102 1.27 19.88 -23.91
C SER D 102 0.38 18.70 -24.28
N SER D 103 0.43 17.57 -23.57
CA SER D 103 -0.24 16.37 -24.04
C SER D 103 -1.80 16.48 -23.94
N PRO D 104 -2.56 15.89 -24.89
CA PRO D 104 -4.07 15.70 -24.87
C PRO D 104 -4.59 14.45 -24.13
N ASN D 105 -3.56 13.80 -23.57
CA ASN D 105 -3.76 12.62 -22.77
C ASN D 105 -3.70 13.03 -21.34
N GLU D 106 -4.85 12.98 -20.69
CA GLU D 106 -4.97 13.56 -19.33
C GLU D 106 -4.25 12.74 -18.31
N GLN D 107 -4.07 11.46 -18.57
CA GLN D 107 -3.25 10.65 -17.68
C GLN D 107 -1.76 11.01 -17.68
N ILE D 108 -1.22 11.08 -18.90
CA ILE D 108 0.14 11.48 -19.11
C ILE D 108 0.34 12.90 -18.56
N LEU D 109 -0.60 13.79 -18.84
CA LEU D 109 -0.46 15.18 -18.41
C LEU D 109 -0.42 15.17 -16.87
N GLN D 110 -1.35 14.49 -16.23
CA GLN D 110 -1.30 14.53 -14.75
C GLN D 110 -0.03 13.89 -14.18
N GLU D 111 0.44 12.80 -14.74
CA GLU D 111 1.67 12.19 -14.24
C GLU D 111 2.90 13.03 -14.47
N ALA D 112 2.98 13.73 -15.62
CA ALA D 112 4.06 14.64 -15.84
C ALA D 112 4.08 15.82 -14.83
N LEU D 113 2.91 16.40 -14.58
CA LEU D 113 2.79 17.45 -13.58
C LEU D 113 3.16 16.99 -12.14
N TRP D 114 2.75 15.79 -11.80
CA TRP D 114 3.11 15.17 -10.54
C TRP D 114 4.59 14.96 -10.37
N THR D 115 5.25 14.39 -11.37
CA THR D 115 6.71 14.28 -11.43
C THR D 115 7.44 15.60 -11.30
N LEU D 116 7.00 16.61 -12.06
CA LEU D 116 7.56 17.94 -11.97
C LEU D 116 7.36 18.46 -10.55
N GLY D 117 6.19 18.21 -9.96
CA GLY D 117 5.94 18.67 -8.58
C GLY D 117 6.93 18.07 -7.60
N ASN D 118 7.22 16.79 -7.80
CA ASN D 118 8.12 16.13 -6.83
C ASN D 118 9.53 16.67 -6.98
N ILE D 119 9.90 16.88 -8.24
CA ILE D 119 11.17 17.57 -8.49
C ILE D 119 11.24 18.96 -7.84
N ALA D 120 10.15 19.70 -7.99
CA ALA D 120 10.05 21.05 -7.42
C ALA D 120 9.89 21.12 -5.90
N SER D 121 9.91 19.96 -5.25
CA SER D 121 9.77 19.90 -3.83
C SER D 121 11.14 19.83 -3.24
N GLY D 122 12.15 19.72 -4.11
CA GLY D 122 13.53 19.77 -3.64
C GLY D 122 14.04 21.11 -3.15
N GLY D 123 15.38 21.22 -3.13
CA GLY D 123 16.04 22.48 -2.72
C GLY D 123 16.00 23.50 -3.83
N ASP D 124 16.58 24.67 -3.57
CA ASP D 124 16.50 25.78 -4.50
C ASP D 124 17.19 25.50 -5.83
N GLU D 125 18.28 24.75 -5.81
CA GLU D 125 18.87 24.27 -7.05
C GLU D 125 17.89 23.52 -7.97
N GLN D 126 17.12 22.60 -7.40
CA GLN D 126 16.23 21.77 -8.15
C GLN D 126 15.06 22.61 -8.68
N ILE D 127 14.55 23.48 -7.81
CA ILE D 127 13.42 24.33 -8.21
C ILE D 127 13.85 25.18 -9.44
N GLN D 128 15.05 25.68 -9.37
CA GLN D 128 15.53 26.57 -10.42
C GLN D 128 15.69 25.86 -11.73
N ALA D 129 16.26 24.67 -11.69
CA ALA D 129 16.25 23.80 -12.90
C ALA D 129 14.86 23.74 -13.53
N VAL D 130 13.83 23.61 -12.72
CA VAL D 130 12.48 23.53 -13.22
C VAL D 130 12.09 24.82 -13.90
N ILE D 131 12.40 25.94 -13.25
CA ILE D 131 12.22 27.27 -13.84
C ILE D 131 13.03 27.45 -15.11
N ASP D 132 14.30 27.04 -15.08
CA ASP D 132 15.20 27.26 -16.18
C ASP D 132 14.77 26.40 -17.38
N ALA D 133 14.15 25.26 -17.13
CA ALA D 133 13.73 24.41 -18.23
C ALA D 133 12.43 24.94 -18.84
N GLY D 134 11.86 26.00 -18.25
CA GLY D 134 10.73 26.66 -18.87
C GLY D 134 9.36 26.15 -18.48
N ALA D 135 9.21 25.59 -17.27
CA ALA D 135 7.91 25.02 -16.88
C ALA D 135 6.80 26.05 -16.61
N LEU D 136 7.15 27.24 -16.18
CA LEU D 136 6.15 28.17 -15.62
C LEU D 136 5.03 28.61 -16.59
N PRO D 137 5.37 28.88 -17.84
CA PRO D 137 4.26 29.32 -18.70
C PRO D 137 3.15 28.27 -18.90
N ALA D 138 3.50 27.01 -19.05
CA ALA D 138 2.44 26.02 -19.16
C ALA D 138 1.65 25.84 -17.86
N LEU D 139 2.34 25.85 -16.74
CA LEU D 139 1.69 25.74 -15.43
C LEU D 139 0.71 26.89 -15.15
N VAL D 140 1.18 28.10 -15.38
CA VAL D 140 0.28 29.26 -15.31
C VAL D 140 -0.92 29.11 -16.30
N GLN D 141 -0.64 28.76 -17.55
CA GLN D 141 -1.69 28.46 -18.53
C GLN D 141 -2.66 27.43 -17.98
N LEU D 142 -2.15 26.42 -17.24
CA LEU D 142 -3.04 25.40 -16.65
C LEU D 142 -3.96 25.87 -15.53
N LEU D 143 -3.67 27.03 -14.95
CA LEU D 143 -4.58 27.57 -13.92
C LEU D 143 -5.97 27.94 -14.54
N SER D 144 -5.98 28.09 -15.86
CA SER D 144 -7.21 28.25 -16.62
C SER D 144 -7.91 26.98 -16.99
N SER D 145 -7.29 25.82 -16.74
CA SER D 145 -7.89 24.59 -17.15
C SER D 145 -9.31 24.43 -16.63
N PRO D 146 -10.19 23.94 -17.49
CA PRO D 146 -11.49 23.55 -17.02
C PRO D 146 -11.44 22.17 -16.31
N ASN D 147 -10.28 21.49 -16.34
CA ASN D 147 -10.14 20.20 -15.72
C ASN D 147 -9.62 20.34 -14.28
N GLU D 148 -10.50 20.04 -13.32
CA GLU D 148 -10.26 20.25 -11.91
C GLU D 148 -9.13 19.36 -11.42
N GLN D 149 -9.08 18.15 -12.01
CA GLN D 149 -8.04 17.21 -11.62
C GLN D 149 -6.67 17.66 -12.08
N ILE D 150 -6.60 18.20 -13.29
CA ILE D 150 -5.36 18.79 -13.78
C ILE D 150 -5.04 20.08 -13.00
N LEU D 151 -6.08 20.88 -12.73
CA LEU D 151 -5.93 22.14 -11.98
C LEU D 151 -5.20 21.89 -10.64
N GLN D 152 -5.68 20.93 -9.88
CA GLN D 152 -5.07 20.66 -8.56
C GLN D 152 -3.59 20.31 -8.69
N GLU D 153 -3.24 19.58 -9.74
CA GLU D 153 -1.87 19.15 -9.88
C GLU D 153 -1.01 20.31 -10.25
N ALA D 154 -1.49 21.14 -11.18
CA ALA D 154 -0.76 22.30 -11.54
C ALA D 154 -0.61 23.26 -10.32
N LEU D 155 -1.66 23.39 -9.48
CA LEU D 155 -1.56 24.24 -8.28
C LEU D 155 -0.51 23.72 -7.33
N TRP D 156 -0.42 22.40 -7.19
CA TRP D 156 0.54 21.80 -6.27
C TRP D 156 1.94 22.05 -6.78
N THR D 157 2.19 21.78 -8.04
CA THR D 157 3.52 22.01 -8.57
C THR D 157 3.95 23.47 -8.45
N LEU D 158 2.99 24.37 -8.70
CA LEU D 158 3.28 25.79 -8.63
C LEU D 158 3.57 26.15 -7.19
N GLY D 159 2.80 25.60 -6.26
CA GLY D 159 3.03 25.84 -4.85
C GLY D 159 4.35 25.33 -4.40
N ASN D 160 4.78 24.18 -4.91
CA ASN D 160 6.14 23.76 -4.59
C ASN D 160 7.25 24.67 -5.11
N ILE D 161 7.11 25.18 -6.33
CA ILE D 161 8.08 26.09 -6.87
C ILE D 161 8.06 27.35 -5.99
N ALA D 162 6.89 27.70 -5.49
CA ALA D 162 6.79 28.89 -4.60
C ALA D 162 7.18 28.63 -3.15
N SER D 163 7.89 27.53 -2.88
CA SER D 163 8.44 27.31 -1.57
C SER D 163 9.93 27.37 -1.66
N GLY D 164 10.46 27.84 -2.78
CA GLY D 164 11.89 28.11 -2.85
C GLY D 164 12.29 29.52 -2.32
N GLY D 165 13.41 30.00 -2.83
CA GLY D 165 13.94 31.29 -2.42
C GLY D 165 13.17 32.43 -3.07
N ASP D 166 13.42 33.63 -2.58
CA ASP D 166 12.54 34.71 -2.95
C ASP D 166 12.58 34.95 -4.45
N GLU D 167 13.72 34.79 -5.08
CA GLU D 167 13.81 34.95 -6.55
C GLU D 167 13.01 33.86 -7.33
N GLN D 168 12.75 32.75 -6.68
CA GLN D 168 12.04 31.68 -7.34
C GLN D 168 10.54 31.97 -7.23
N ILE D 169 10.13 32.45 -6.06
CA ILE D 169 8.81 33.02 -5.91
C ILE D 169 8.58 34.16 -6.91
N GLN D 170 9.58 35.01 -7.13
CA GLN D 170 9.41 36.16 -8.03
C GLN D 170 9.18 35.61 -9.46
N ALA D 171 10.00 34.62 -9.84
CA ALA D 171 9.76 33.87 -11.14
C ALA D 171 8.33 33.51 -11.34
N VAL D 172 7.70 32.98 -10.30
CA VAL D 172 6.32 32.58 -10.39
C VAL D 172 5.40 33.81 -10.63
N ILE D 173 5.53 34.81 -9.80
CA ILE D 173 4.82 36.10 -9.99
C ILE D 173 5.02 36.76 -11.39
N ASP D 174 6.27 36.85 -11.82
CA ASP D 174 6.64 37.37 -13.16
C ASP D 174 6.04 36.56 -14.32
N ALA D 175 5.83 35.27 -14.12
CA ALA D 175 5.17 34.46 -15.16
C ALA D 175 3.64 34.69 -15.16
N GLY D 176 3.18 35.58 -14.27
CA GLY D 176 1.78 36.03 -14.31
C GLY D 176 0.83 35.16 -13.53
N ALA D 177 1.31 34.54 -12.46
CA ALA D 177 0.48 33.65 -11.68
C ALA D 177 -0.52 34.33 -10.80
N LEU D 178 -0.28 35.58 -10.41
CA LEU D 178 -1.10 36.10 -9.37
C LEU D 178 -2.53 36.41 -9.80
N PRO D 179 -2.71 36.99 -10.97
CA PRO D 179 -4.11 37.16 -11.42
C PRO D 179 -4.91 35.86 -11.46
N ALA D 180 -4.33 34.82 -12.06
CA ALA D 180 -4.99 33.52 -12.10
C ALA D 180 -5.36 32.96 -10.71
N LEU D 181 -4.41 33.03 -9.77
CA LEU D 181 -4.66 32.61 -8.42
C LEU D 181 -5.78 33.39 -7.73
N VAL D 182 -5.70 34.71 -7.80
CA VAL D 182 -6.76 35.52 -7.20
C VAL D 182 -8.13 35.23 -7.80
N GLN D 183 -8.17 35.14 -9.13
CA GLN D 183 -9.37 34.67 -9.81
C GLN D 183 -9.88 33.31 -9.28
N LEU D 184 -8.97 32.37 -8.97
CA LEU D 184 -9.39 31.11 -8.36
C LEU D 184 -9.91 31.27 -6.96
N LEU D 185 -9.48 32.30 -6.25
CA LEU D 185 -10.07 32.55 -4.96
C LEU D 185 -11.59 32.91 -4.99
N SER D 186 -12.15 33.18 -6.20
CA SER D 186 -13.57 33.49 -6.39
C SER D 186 -14.28 32.32 -7.03
N SER D 187 -13.54 31.25 -7.27
CA SER D 187 -14.16 30.06 -7.68
C SER D 187 -15.23 29.76 -6.68
N PRO D 188 -16.34 29.22 -7.14
CA PRO D 188 -17.37 28.67 -6.28
C PRO D 188 -17.04 27.24 -5.85
N ASN D 189 -15.96 26.71 -6.37
CA ASN D 189 -15.52 25.37 -5.97
C ASN D 189 -14.58 25.49 -4.76
N GLU D 190 -15.06 25.11 -3.59
CA GLU D 190 -14.29 25.31 -2.36
C GLU D 190 -13.02 24.46 -2.32
N GLN D 191 -13.06 23.31 -2.99
CA GLN D 191 -11.89 22.48 -3.06
C GLN D 191 -10.86 23.19 -3.88
N ILE D 192 -11.25 23.89 -4.96
CA ILE D 192 -10.27 24.69 -5.72
C ILE D 192 -9.85 25.91 -4.86
N LEU D 193 -10.79 26.46 -4.12
CA LEU D 193 -10.48 27.60 -3.22
C LEU D 193 -9.34 27.18 -2.30
N GLN D 194 -9.45 26.02 -1.69
CA GLN D 194 -8.39 25.52 -0.74
C GLN D 194 -7.02 25.37 -1.43
N GLU D 195 -7.02 24.72 -2.60
CA GLU D 195 -5.79 24.49 -3.33
C GLU D 195 -5.09 25.78 -3.75
N ALA D 196 -5.86 26.76 -4.22
CA ALA D 196 -5.31 28.04 -4.56
C ALA D 196 -4.82 28.80 -3.29
N LEU D 197 -5.50 28.65 -2.14
CA LEU D 197 -5.00 29.29 -0.88
C LEU D 197 -3.63 28.72 -0.51
N TRP D 198 -3.43 27.44 -0.77
CA TRP D 198 -2.19 26.82 -0.35
C TRP D 198 -1.06 27.40 -1.20
N THR D 199 -1.26 27.50 -2.50
CA THR D 199 -0.23 28.07 -3.37
C THR D 199 0.00 29.54 -3.12
N LEU D 200 -1.10 30.25 -2.91
CA LEU D 200 -0.99 31.71 -2.63
C LEU D 200 -0.21 31.90 -1.35
N GLY D 201 -0.53 31.09 -0.35
CA GLY D 201 0.16 31.18 0.92
C GLY D 201 1.66 31.04 0.83
N ASN D 202 2.15 30.11 0.00
CA ASN D 202 3.54 29.94 -0.20
C ASN D 202 4.17 31.17 -0.84
N ILE D 203 3.47 31.76 -1.82
CA ILE D 203 3.96 32.94 -2.47
C ILE D 203 4.04 34.12 -1.41
N ALA D 204 3.08 34.15 -0.50
CA ALA D 204 2.96 35.21 0.47
C ALA D 204 4.08 35.13 1.48
N SER D 205 4.67 33.94 1.63
CA SER D 205 5.74 33.79 2.60
C SER D 205 7.07 34.26 2.01
N GLY D 206 7.07 34.86 0.82
CA GLY D 206 8.31 35.53 0.32
C GLY D 206 8.65 36.82 1.03
N GLY D 207 9.66 37.52 0.50
CA GLY D 207 10.15 38.78 1.00
C GLY D 207 9.22 39.94 0.69
N ASN D 208 9.63 41.11 1.13
CA ASN D 208 8.80 42.25 0.97
C ASN D 208 8.32 42.59 -0.45
N GLU D 209 9.24 42.44 -1.42
CA GLU D 209 8.93 42.63 -2.87
C GLU D 209 7.81 41.71 -3.31
N GLN D 210 7.89 40.44 -2.89
CA GLN D 210 6.88 39.44 -3.24
C GLN D 210 5.53 39.68 -2.54
N LYS D 211 5.59 40.04 -1.26
CA LYS D 211 4.38 40.30 -0.51
C LYS D 211 3.66 41.51 -1.13
N GLN D 212 4.42 42.50 -1.54
CA GLN D 212 3.86 43.71 -2.24
C GLN D 212 3.09 43.33 -3.55
N ALA D 213 3.58 42.32 -4.24
CA ALA D 213 2.94 41.84 -5.49
C ALA D 213 1.64 41.17 -5.16
N VAL D 214 1.64 40.35 -4.10
CA VAL D 214 0.42 39.72 -3.60
C VAL D 214 -0.67 40.72 -3.20
N LYS D 215 -0.30 41.76 -2.49
CA LYS D 215 -1.29 42.83 -2.07
C LYS D 215 -1.85 43.82 -3.16
N GLU D 216 -0.92 44.15 -4.07
CA GLU D 216 -1.18 44.77 -5.37
C GLU D 216 -2.09 43.97 -6.32
N ALA D 217 -1.89 42.64 -6.40
CA ALA D 217 -2.79 41.73 -7.11
C ALA D 217 -4.15 41.68 -6.46
N GLY D 218 -4.23 42.13 -5.21
CA GLY D 218 -5.49 42.29 -4.52
C GLY D 218 -5.94 41.15 -3.62
N ALA D 219 -4.98 40.40 -3.04
CA ALA D 219 -5.30 39.12 -2.34
C ALA D 219 -5.74 39.35 -0.89
N LEU D 220 -5.32 40.50 -0.34
CA LEU D 220 -5.61 40.82 1.05
C LEU D 220 -7.10 40.80 1.34
N GLU D 221 -7.86 41.53 0.55
CA GLU D 221 -9.25 41.76 0.88
C GLU D 221 -10.03 40.50 0.58
N LYS D 222 -9.62 39.84 -0.48
CA LYS D 222 -10.13 38.49 -0.75
C LYS D 222 -9.94 37.56 0.44
N LEU D 223 -8.74 37.59 1.02
CA LEU D 223 -8.42 36.76 2.17
C LEU D 223 -9.23 37.22 3.40
N GLU D 224 -9.25 38.53 3.63
CA GLU D 224 -10.13 39.14 4.65
C GLU D 224 -11.57 38.65 4.54
N GLN D 225 -12.13 38.68 3.33
CA GLN D 225 -13.48 38.11 3.07
C GLN D 225 -13.58 36.61 3.36
N LEU D 226 -12.59 35.89 2.90
CA LEU D 226 -12.56 34.45 3.11
C LEU D 226 -12.45 34.05 4.57
N GLN D 227 -11.99 34.97 5.40
CA GLN D 227 -11.87 34.74 6.83
C GLN D 227 -13.16 34.37 7.55
N SER D 228 -14.30 34.75 7.02
CA SER D 228 -15.56 34.17 7.51
C SER D 228 -16.31 33.50 6.38
N HIS D 229 -15.58 32.67 5.63
CA HIS D 229 -16.20 31.70 4.79
C HIS D 229 -16.87 30.74 5.75
N GLU D 230 -18.00 30.16 5.37
N GLU D 230 -17.98 30.15 5.32
CA GLU D 230 -18.68 29.19 6.21
CA GLU D 230 -18.72 29.17 6.10
C GLU D 230 -17.76 27.99 6.47
C GLU D 230 -17.99 27.85 6.28
N ASN D 231 -16.95 27.65 5.48
CA ASN D 231 -16.13 26.48 5.58
C ASN D 231 -14.93 26.76 6.47
N GLU D 232 -14.86 26.05 7.59
CA GLU D 232 -13.82 26.20 8.61
C GLU D 232 -12.39 26.07 8.09
N LYS D 233 -12.18 25.10 7.21
CA LYS D 233 -10.86 24.84 6.67
C LYS D 233 -10.44 25.97 5.77
N ILE D 234 -11.37 26.44 4.94
CA ILE D 234 -11.14 27.65 4.16
C ILE D 234 -10.82 28.84 5.10
N GLN D 235 -11.68 29.05 6.10
CA GLN D 235 -11.45 30.08 7.15
C GLN D 235 -9.99 30.07 7.65
N LYS D 236 -9.61 28.92 8.18
CA LYS D 236 -8.27 28.71 8.76
C LYS D 236 -7.17 28.96 7.72
N GLU D 237 -7.36 28.50 6.48
CA GLU D 237 -6.31 28.67 5.48
C GLU D 237 -6.16 30.11 5.04
N ALA D 238 -7.27 30.84 5.05
CA ALA D 238 -7.25 32.24 4.63
C ALA D 238 -6.51 33.03 5.69
N GLN D 239 -6.84 32.74 6.95
CA GLN D 239 -6.16 33.30 8.16
C GLN D 239 -4.66 32.99 8.18
N GLU D 240 -4.32 31.71 8.06
CA GLU D 240 -2.92 31.24 7.93
C GLU D 240 -2.20 32.11 6.91
N ALA D 241 -2.71 32.18 5.69
CA ALA D 241 -2.06 32.93 4.61
C ALA D 241 -2.06 34.39 4.90
N LEU D 242 -3.10 34.85 5.58
CA LEU D 242 -3.23 36.28 5.82
C LEU D 242 -2.17 36.80 6.78
N GLU D 243 -1.62 35.93 7.60
CA GLU D 243 -0.44 36.28 8.37
C GLU D 243 0.72 36.19 7.39
N LYS D 244 1.10 34.97 7.02
CA LYS D 244 2.11 34.73 5.98
C LYS D 244 2.21 35.91 5.00
#